data_1PK7
#
_entry.id   1PK7
#
_cell.length_a   121.800
_cell.length_b   121.800
_cell.length_c   242.000
_cell.angle_alpha   90.00
_cell.angle_beta   90.00
_cell.angle_gamma   120.00
#
_symmetry.space_group_name_H-M   'P 61 2 2'
#
loop_
_entity.id
_entity.type
_entity.pdbx_description
1 polymer 'Purine nucleoside phosphorylase DeoD-type'
2 non-polymer 'PHOSPHATE ION'
3 non-polymer ADENOSINE
4 water water
#
_entity_poly.entity_id   1
_entity_poly.type   'polypeptide(L)'
_entity_poly.pdbx_seq_one_letter_code
;ATPHINAEMGDFADVVLMPGDPLRAKYIAETFLEDAREVNNVRGMLGFTGTYKGRKISVMGHGMGIPSCSIYTKELITDF
GVKKIIRVGSCGAVLPHVKLRDVVIGMGACTDSKVNRIRFKDHDFAAIADFDMVRNAVDAAKALGIDARVGNLFSADLFY
SPDGEMFDVMEKYGILGVEMEAAGIYGVAAEFGAKALTICTVSDHIRTHEQTTAAERQTTFNDMIKIALESVLLGDK
;
_entity_poly.pdbx_strand_id   A,B,C
#
# COMPACT_ATOMS: atom_id res chain seq x y z
N ALA A 1 29.56 -8.64 -24.88
CA ALA A 1 28.35 -8.01 -25.51
C ALA A 1 27.09 -8.33 -24.72
N THR A 2 26.48 -7.31 -24.13
CA THR A 2 25.26 -7.52 -23.35
C THR A 2 24.04 -7.44 -24.28
N PRO A 3 22.87 -7.87 -23.78
CA PRO A 3 21.66 -7.83 -24.59
C PRO A 3 21.38 -6.50 -25.27
N HIS A 4 21.72 -5.39 -24.62
CA HIS A 4 21.45 -4.08 -25.21
C HIS A 4 22.69 -3.30 -25.61
N ILE A 5 23.86 -3.80 -25.28
CA ILE A 5 25.11 -3.11 -25.60
C ILE A 5 26.07 -4.03 -26.34
N ASN A 6 26.20 -3.81 -27.65
CA ASN A 6 27.09 -4.62 -28.46
C ASN A 6 28.48 -4.01 -28.44
N ALA A 7 29.28 -4.42 -27.45
CA ALA A 7 30.64 -3.93 -27.27
C ALA A 7 31.37 -4.87 -26.30
N GLU A 8 32.69 -4.74 -26.22
CA GLU A 8 33.47 -5.60 -25.34
C GLU A 8 34.08 -4.88 -24.13
N MET A 9 34.35 -5.65 -23.08
CA MET A 9 34.95 -5.11 -21.86
C MET A 9 36.19 -4.30 -22.21
N GLY A 10 36.22 -3.04 -21.80
CA GLY A 10 37.35 -2.19 -22.11
C GLY A 10 36.95 -1.08 -23.07
N ASP A 11 35.83 -1.27 -23.76
CA ASP A 11 35.37 -0.26 -24.70
C ASP A 11 34.90 1.00 -24.01
N PHE A 12 34.39 0.87 -22.80
CA PHE A 12 33.92 2.03 -22.06
C PHE A 12 34.91 2.40 -20.98
N ALA A 13 34.98 3.69 -20.66
CA ALA A 13 35.86 4.17 -19.62
C ALA A 13 35.18 3.84 -18.30
N ASP A 14 35.89 4.08 -17.21
CA ASP A 14 35.37 3.80 -15.88
C ASP A 14 34.27 4.81 -15.57
N VAL A 15 34.15 5.84 -16.40
CA VAL A 15 33.17 6.90 -16.20
C VAL A 15 32.33 7.17 -17.45
N VAL A 16 31.01 7.24 -17.28
CA VAL A 16 30.11 7.46 -18.41
C VAL A 16 29.07 8.58 -18.21
N LEU A 17 29.01 9.52 -19.15
CA LEU A 17 28.00 10.59 -19.07
C LEU A 17 26.74 10.08 -19.77
N MET A 18 25.56 10.35 -19.20
CA MET A 18 24.36 9.86 -19.85
C MET A 18 23.25 10.88 -20.08
N PRO A 19 23.01 11.23 -21.35
CA PRO A 19 21.96 12.18 -21.66
C PRO A 19 20.69 11.38 -21.99
N GLY A 20 19.54 12.04 -22.04
CA GLY A 20 18.32 11.33 -22.37
C GLY A 20 18.33 11.02 -23.85
N ASP A 21 18.31 12.09 -24.66
CA ASP A 21 18.33 11.98 -26.12
C ASP A 21 19.63 11.32 -26.57
N PRO A 22 19.55 10.22 -27.33
CA PRO A 22 20.77 9.56 -27.80
C PRO A 22 21.53 10.42 -28.80
N LEU A 23 20.82 11.37 -29.40
CA LEU A 23 21.44 12.27 -30.37
C LEU A 23 22.46 13.14 -29.65
N ARG A 24 22.19 13.42 -28.37
CA ARG A 24 23.06 14.25 -27.53
C ARG A 24 24.41 13.61 -27.25
N ALA A 25 24.46 12.28 -27.25
CA ALA A 25 25.71 11.57 -26.99
C ALA A 25 26.74 11.86 -28.07
N LYS A 26 26.25 12.08 -29.29
CA LYS A 26 27.10 12.39 -30.44
C LYS A 26 27.61 13.81 -30.35
N TYR A 27 26.70 14.76 -30.13
CA TYR A 27 27.08 16.15 -30.00
C TYR A 27 28.20 16.33 -28.98
N ILE A 28 28.08 15.68 -27.82
CA ILE A 28 29.09 15.76 -26.75
C ILE A 28 30.44 15.16 -27.15
N ALA A 29 30.39 14.00 -27.79
CA ALA A 29 31.61 13.32 -28.23
C ALA A 29 32.34 14.21 -29.24
N GLU A 30 31.59 14.89 -30.10
CA GLU A 30 32.23 15.76 -31.08
C GLU A 30 32.55 17.15 -30.54
N THR A 31 31.68 17.72 -29.72
CA THR A 31 31.94 19.04 -29.18
C THR A 31 32.89 19.08 -27.98
N PHE A 32 33.10 17.95 -27.29
CA PHE A 32 33.98 17.98 -26.13
C PHE A 32 35.07 16.92 -26.03
N LEU A 33 34.85 15.74 -26.59
CA LEU A 33 35.84 14.67 -26.46
C LEU A 33 36.88 14.56 -27.57
N GLU A 34 38.09 14.17 -27.18
CA GLU A 34 39.22 14.00 -28.09
C GLU A 34 39.35 12.54 -28.54
N ASP A 35 39.80 12.34 -29.77
CA ASP A 35 40.00 10.99 -30.32
C ASP A 35 38.79 10.10 -30.06
N ALA A 36 37.59 10.63 -30.30
CA ALA A 36 36.37 9.88 -30.06
C ALA A 36 36.16 8.70 -31.01
N ARG A 37 35.46 7.68 -30.53
CA ARG A 37 35.17 6.48 -31.31
C ARG A 37 33.87 5.81 -30.87
N GLU A 38 32.95 5.65 -31.81
CA GLU A 38 31.67 5.00 -31.52
C GLU A 38 31.93 3.60 -30.98
N VAL A 39 31.17 3.21 -29.97
CA VAL A 39 31.35 1.89 -29.36
C VAL A 39 30.08 1.08 -29.22
N ASN A 40 28.95 1.65 -29.65
CA ASN A 40 27.66 0.95 -29.60
C ASN A 40 26.66 1.60 -30.52
N ASN A 41 25.78 0.78 -31.11
CA ASN A 41 24.75 1.27 -32.03
C ASN A 41 23.42 0.55 -31.84
N VAL A 42 23.41 -0.52 -31.05
CA VAL A 42 22.20 -1.29 -30.82
C VAL A 42 21.00 -0.40 -30.53
N ARG A 43 19.87 -0.70 -31.19
CA ARG A 43 18.63 0.05 -31.04
C ARG A 43 18.80 1.55 -31.23
N GLY A 44 19.93 1.96 -31.79
CA GLY A 44 20.17 3.37 -32.01
C GLY A 44 20.73 4.12 -30.81
N MET A 45 20.97 3.40 -29.71
CA MET A 45 21.53 4.00 -28.52
C MET A 45 23.01 4.21 -28.77
N LEU A 46 23.34 5.36 -29.37
CA LEU A 46 24.72 5.71 -29.71
C LEU A 46 25.61 5.97 -28.51
N GLY A 47 26.78 5.33 -28.50
CA GLY A 47 27.72 5.50 -27.40
C GLY A 47 29.15 5.68 -27.88
N PHE A 48 29.87 6.65 -27.30
CA PHE A 48 31.25 6.94 -27.70
C PHE A 48 32.25 6.92 -26.55
N THR A 49 33.54 6.85 -26.88
CA THR A 49 34.60 6.86 -25.90
C THR A 49 35.76 7.71 -26.43
N GLY A 50 36.19 8.70 -25.65
CA GLY A 50 37.28 9.56 -26.05
C GLY A 50 38.04 10.03 -24.83
N THR A 51 38.62 11.22 -24.90
CA THR A 51 39.36 11.74 -23.76
C THR A 51 39.09 13.22 -23.56
N TYR A 52 39.11 13.65 -22.31
CA TYR A 52 38.89 15.05 -22.00
C TYR A 52 40.07 15.46 -21.13
N LYS A 53 41.02 16.15 -21.75
CA LYS A 53 42.22 16.61 -21.06
C LYS A 53 42.98 15.42 -20.49
N GLY A 54 43.20 14.40 -21.33
CA GLY A 54 43.93 13.22 -20.92
C GLY A 54 43.13 12.15 -20.20
N ARG A 55 41.95 12.53 -19.69
CA ARG A 55 41.07 11.62 -18.95
C ARG A 55 40.12 10.88 -19.89
N LYS A 56 40.19 9.56 -19.89
CA LYS A 56 39.29 8.76 -20.74
C LYS A 56 37.84 8.90 -20.25
N ILE A 57 36.94 9.22 -21.16
CA ILE A 57 35.52 9.41 -20.85
C ILE A 57 34.60 8.80 -21.90
N SER A 58 33.46 8.26 -21.47
CA SER A 58 32.50 7.68 -22.41
C SER A 58 31.18 8.46 -22.31
N VAL A 59 30.42 8.45 -23.39
CA VAL A 59 29.13 9.12 -23.41
C VAL A 59 28.14 8.27 -24.20
N MET A 60 26.93 8.10 -23.65
CA MET A 60 25.89 7.30 -24.30
C MET A 60 24.53 7.66 -23.71
N GLY A 61 23.52 7.79 -24.60
CA GLY A 61 22.18 8.12 -24.15
C GLY A 61 21.54 6.95 -23.42
N HIS A 62 20.53 7.23 -22.59
CA HIS A 62 19.88 6.14 -21.85
C HIS A 62 18.38 5.97 -22.08
N GLY A 63 17.77 6.84 -22.88
CA GLY A 63 16.34 6.72 -23.11
C GLY A 63 15.54 7.38 -22.00
N MET A 64 14.21 7.40 -22.13
CA MET A 64 13.38 8.03 -21.12
C MET A 64 12.83 7.00 -20.14
N GLY A 65 12.75 7.39 -18.88
CA GLY A 65 12.18 6.51 -17.88
C GLY A 65 13.14 5.64 -17.10
N ILE A 66 12.70 5.29 -15.89
CA ILE A 66 13.47 4.46 -14.98
C ILE A 66 13.69 3.05 -15.53
N PRO A 67 12.67 2.44 -16.14
CA PRO A 67 12.87 1.09 -16.67
C PRO A 67 13.95 1.02 -17.73
N SER A 68 14.10 2.10 -18.51
CA SER A 68 15.09 2.14 -19.57
C SER A 68 16.50 2.37 -19.05
N CYS A 69 16.73 3.52 -18.42
CA CYS A 69 18.05 3.85 -17.89
C CYS A 69 18.55 2.77 -16.94
N SER A 70 17.62 2.04 -16.34
CA SER A 70 17.98 0.99 -15.41
C SER A 70 18.68 -0.19 -16.06
N ILE A 71 18.27 -0.55 -17.27
CA ILE A 71 18.93 -1.67 -17.92
C ILE A 71 20.32 -1.23 -18.40
N TYR A 72 20.42 -0.04 -18.99
CA TYR A 72 21.71 0.45 -19.47
C TYR A 72 22.74 0.59 -18.35
N THR A 73 22.43 1.37 -17.33
CA THR A 73 23.37 1.57 -16.24
C THR A 73 23.74 0.27 -15.56
N LYS A 74 22.86 -0.73 -15.63
CA LYS A 74 23.15 -2.01 -15.00
C LYS A 74 24.19 -2.79 -15.80
N GLU A 75 23.93 -2.96 -17.09
CA GLU A 75 24.83 -3.69 -17.97
C GLU A 75 26.24 -3.09 -17.94
N LEU A 76 26.31 -1.76 -17.95
CA LEU A 76 27.58 -1.05 -17.91
C LEU A 76 28.34 -1.39 -16.62
N ILE A 77 27.63 -1.28 -15.49
CA ILE A 77 28.25 -1.55 -14.21
C ILE A 77 28.69 -3.00 -14.05
N THR A 78 27.82 -3.93 -14.41
CA THR A 78 28.18 -5.33 -14.26
C THR A 78 28.98 -5.94 -15.40
N ASP A 79 28.89 -5.37 -16.60
CA ASP A 79 29.61 -5.96 -17.71
C ASP A 79 30.70 -5.17 -18.43
N PHE A 80 30.91 -3.93 -18.02
CA PHE A 80 31.95 -3.12 -18.65
C PHE A 80 32.78 -2.40 -17.61
N GLY A 81 32.66 -2.83 -16.36
CA GLY A 81 33.40 -2.23 -15.27
C GLY A 81 33.26 -0.72 -15.07
N VAL A 82 32.08 -0.17 -15.34
CA VAL A 82 31.86 1.26 -15.15
C VAL A 82 31.78 1.57 -13.66
N LYS A 83 32.60 2.52 -13.20
CA LYS A 83 32.66 2.91 -11.80
C LYS A 83 31.76 4.08 -11.40
N LYS A 84 31.52 5.01 -12.32
CA LYS A 84 30.71 6.18 -12.04
C LYS A 84 29.80 6.51 -13.22
N ILE A 85 28.61 7.01 -12.90
CA ILE A 85 27.61 7.39 -13.90
C ILE A 85 27.04 8.79 -13.65
N ILE A 86 27.29 9.72 -14.58
CA ILE A 86 26.76 11.05 -14.43
C ILE A 86 25.66 11.29 -15.47
N ARG A 87 24.44 11.50 -14.99
CA ARG A 87 23.32 11.77 -15.87
C ARG A 87 23.18 13.27 -16.03
N VAL A 88 23.03 13.73 -17.25
CA VAL A 88 22.86 15.15 -17.54
C VAL A 88 21.58 15.33 -18.34
N GLY A 89 20.78 16.32 -18.00
CA GLY A 89 19.55 16.52 -18.74
C GLY A 89 18.77 17.72 -18.27
N SER A 90 17.47 17.72 -18.54
CA SER A 90 16.62 18.83 -18.14
C SER A 90 15.54 18.34 -17.19
N CYS A 91 14.84 19.29 -16.58
CA CYS A 91 13.78 18.96 -15.64
C CYS A 91 12.85 20.16 -15.55
N GLY A 92 11.69 19.95 -14.94
CA GLY A 92 10.75 21.04 -14.76
C GLY A 92 10.74 21.52 -13.31
N ALA A 93 10.72 22.83 -13.11
CA ALA A 93 10.73 23.40 -11.77
C ALA A 93 9.32 23.49 -11.20
N VAL A 94 9.20 23.38 -9.88
CA VAL A 94 7.89 23.47 -9.24
C VAL A 94 7.88 24.57 -8.18
N LEU A 95 9.07 24.97 -7.76
CA LEU A 95 9.25 26.03 -6.77
C LEU A 95 9.30 27.38 -7.50
N PRO A 96 8.74 28.43 -6.88
CA PRO A 96 8.73 29.76 -7.51
C PRO A 96 10.12 30.37 -7.70
N HIS A 97 10.99 30.21 -6.70
CA HIS A 97 12.33 30.77 -6.77
C HIS A 97 13.30 30.05 -7.71
N VAL A 98 12.94 28.87 -8.18
CA VAL A 98 13.81 28.12 -9.09
C VAL A 98 13.49 28.57 -10.51
N LYS A 99 14.47 29.20 -11.17
CA LYS A 99 14.27 29.75 -12.50
C LYS A 99 14.75 28.93 -13.70
N LEU A 100 14.19 29.24 -14.86
CA LEU A 100 14.59 28.55 -16.08
C LEU A 100 16.09 28.69 -16.23
N ARG A 101 16.72 27.64 -16.75
CA ARG A 101 18.16 27.62 -16.95
C ARG A 101 18.95 27.39 -15.67
N ASP A 102 18.26 27.27 -14.54
CA ASP A 102 18.93 27.01 -13.27
C ASP A 102 19.56 25.62 -13.33
N VAL A 103 20.74 25.47 -12.73
CA VAL A 103 21.38 24.16 -12.70
C VAL A 103 20.99 23.50 -11.38
N VAL A 104 20.60 22.24 -11.45
CA VAL A 104 20.18 21.51 -10.26
C VAL A 104 20.94 20.18 -10.10
N ILE A 105 21.38 19.92 -8.88
CA ILE A 105 22.10 18.69 -8.56
C ILE A 105 21.28 17.84 -7.58
N GLY A 106 20.92 16.63 -8.02
CA GLY A 106 20.10 15.76 -7.20
C GLY A 106 20.84 14.94 -6.16
N MET A 107 21.02 15.49 -4.97
CA MET A 107 21.69 14.78 -3.90
C MET A 107 20.79 13.62 -3.49
N GLY A 108 19.53 13.74 -3.85
CA GLY A 108 18.55 12.71 -3.54
C GLY A 108 17.46 12.74 -4.60
N ALA A 109 16.73 11.63 -4.74
CA ALA A 109 15.65 11.57 -5.72
C ALA A 109 14.40 10.84 -5.20
N CYS A 110 13.30 11.58 -5.09
CA CYS A 110 12.02 11.01 -4.65
C CYS A 110 11.43 10.36 -5.88
N THR A 111 10.41 9.53 -5.72
CA THR A 111 9.79 8.92 -6.88
C THR A 111 8.41 8.33 -6.58
N ASP A 112 7.64 8.10 -7.63
CA ASP A 112 6.32 7.50 -7.49
C ASP A 112 6.37 6.11 -8.10
N SER A 113 7.59 5.66 -8.37
CA SER A 113 7.86 4.34 -8.93
C SER A 113 7.93 3.30 -7.80
N LYS A 114 7.78 2.03 -8.17
CA LYS A 114 7.81 0.94 -7.20
C LYS A 114 9.12 0.11 -7.19
N VAL A 115 10.01 0.37 -8.15
CA VAL A 115 11.27 -0.39 -8.28
C VAL A 115 12.12 -0.52 -7.02
N ASN A 116 12.25 0.55 -6.25
CA ASN A 116 13.05 0.47 -5.05
C ASN A 116 12.31 -0.26 -3.94
N ARG A 117 10.97 -0.15 -3.92
CA ARG A 117 10.19 -0.86 -2.91
C ARG A 117 10.33 -2.34 -3.17
N ILE A 118 10.29 -2.71 -4.44
CA ILE A 118 10.45 -4.11 -4.81
C ILE A 118 11.83 -4.60 -4.34
N ARG A 119 12.82 -3.72 -4.38
CA ARG A 119 14.20 -4.03 -3.98
C ARG A 119 14.42 -4.01 -2.47
N PHE A 120 13.73 -3.11 -1.77
CA PHE A 120 13.92 -2.92 -0.34
C PHE A 120 12.82 -3.47 0.59
N LYS A 121 12.26 -4.64 0.27
CA LYS A 121 11.21 -5.25 1.10
C LYS A 121 10.02 -4.33 1.38
N ASP A 122 9.64 -3.51 0.40
CA ASP A 122 8.54 -2.58 0.51
C ASP A 122 8.72 -1.53 1.60
N HIS A 123 9.97 -1.18 1.88
CA HIS A 123 10.28 -0.15 2.87
C HIS A 123 10.77 1.06 2.10
N ASP A 124 11.05 2.15 2.81
CA ASP A 124 11.53 3.37 2.17
C ASP A 124 13.03 3.38 1.94
N PHE A 125 13.44 3.31 0.68
CA PHE A 125 14.85 3.35 0.35
C PHE A 125 15.16 4.79 -0.04
N ALA A 126 16.19 5.37 0.56
CA ALA A 126 16.58 6.74 0.23
C ALA A 126 17.56 6.70 -0.94
N ALA A 127 17.08 7.03 -2.14
CA ALA A 127 17.92 7.03 -3.34
C ALA A 127 18.77 8.30 -3.35
N ILE A 128 20.04 8.16 -3.00
CA ILE A 128 20.96 9.28 -2.93
C ILE A 128 22.15 9.14 -3.89
N ALA A 129 22.74 10.25 -4.29
CA ALA A 129 23.90 10.23 -5.19
C ALA A 129 25.10 9.99 -4.32
N ASP A 130 26.29 9.92 -4.93
CA ASP A 130 27.53 9.74 -4.17
C ASP A 130 27.93 11.13 -3.68
N PHE A 131 28.12 11.28 -2.37
CA PHE A 131 28.45 12.60 -1.83
C PHE A 131 29.61 13.34 -2.50
N ASP A 132 30.70 12.62 -2.77
CA ASP A 132 31.83 13.27 -3.40
C ASP A 132 31.53 13.77 -4.79
N MET A 133 30.80 12.97 -5.57
CA MET A 133 30.47 13.40 -6.91
C MET A 133 29.63 14.67 -6.81
N VAL A 134 28.77 14.73 -5.80
CA VAL A 134 27.93 15.89 -5.60
C VAL A 134 28.78 17.11 -5.31
N ARG A 135 29.71 16.96 -4.36
CA ARG A 135 30.62 18.04 -3.98
C ARG A 135 31.52 18.49 -5.13
N ASN A 136 31.95 17.54 -5.96
CA ASN A 136 32.79 17.85 -7.12
C ASN A 136 32.06 18.72 -8.12
N ALA A 137 30.82 18.37 -8.41
CA ALA A 137 29.97 19.11 -9.35
C ALA A 137 29.71 20.54 -8.88
N VAL A 138 29.55 20.70 -7.57
CA VAL A 138 29.31 22.01 -6.97
C VAL A 138 30.57 22.86 -7.07
N ASP A 139 31.72 22.29 -6.72
CA ASP A 139 32.98 23.01 -6.79
C ASP A 139 33.30 23.40 -8.23
N ALA A 140 33.10 22.45 -9.14
CA ALA A 140 33.36 22.67 -10.56
C ALA A 140 32.48 23.78 -11.11
N ALA A 141 31.24 23.85 -10.65
CA ALA A 141 30.33 24.88 -11.13
C ALA A 141 30.85 26.22 -10.63
N LYS A 142 31.21 26.27 -9.35
CA LYS A 142 31.71 27.50 -8.75
C LYS A 142 32.89 28.00 -9.57
N ALA A 143 33.74 27.06 -9.97
CA ALA A 143 34.91 27.41 -10.78
C ALA A 143 34.45 28.13 -12.04
N LEU A 144 33.44 27.60 -12.71
CA LEU A 144 32.92 28.21 -13.92
C LEU A 144 31.96 29.34 -13.58
N GLY A 145 32.02 29.79 -12.33
CA GLY A 145 31.17 30.88 -11.89
C GLY A 145 29.68 30.67 -12.14
N ILE A 146 29.22 29.43 -12.07
CA ILE A 146 27.81 29.11 -12.27
C ILE A 146 27.14 28.86 -10.94
N ASP A 147 25.85 29.15 -10.85
CA ASP A 147 25.10 28.97 -9.61
C ASP A 147 24.37 27.64 -9.61
N ALA A 148 24.82 26.69 -8.79
CA ALA A 148 24.17 25.38 -8.74
C ALA A 148 23.45 25.19 -7.41
N ARG A 149 22.28 24.57 -7.46
CA ARG A 149 21.49 24.31 -6.26
C ARG A 149 21.44 22.81 -5.99
N VAL A 150 21.70 22.43 -4.74
CA VAL A 150 21.69 21.02 -4.34
C VAL A 150 20.45 20.69 -3.53
N GLY A 151 19.68 19.71 -4.00
CA GLY A 151 18.48 19.34 -3.28
C GLY A 151 17.86 18.01 -3.70
N ASN A 152 16.55 17.92 -3.53
CA ASN A 152 15.82 16.71 -3.89
C ASN A 152 15.22 16.86 -5.27
N LEU A 153 15.11 15.75 -5.98
CA LEU A 153 14.52 15.73 -7.31
C LEU A 153 13.35 14.77 -7.15
N PHE A 154 12.50 14.70 -8.17
CA PHE A 154 11.37 13.78 -8.14
C PHE A 154 11.33 13.04 -9.48
N SER A 155 11.42 11.72 -9.42
CA SER A 155 11.39 10.88 -10.62
C SER A 155 9.97 10.37 -10.85
N ALA A 156 9.26 11.02 -11.76
CA ALA A 156 7.90 10.65 -12.08
C ALA A 156 7.81 9.54 -13.13
N ASP A 157 6.95 8.55 -12.88
CA ASP A 157 6.75 7.46 -13.82
C ASP A 157 5.89 7.96 -14.97
N LEU A 158 5.01 8.90 -14.67
CA LEU A 158 4.12 9.46 -15.68
C LEU A 158 4.35 10.94 -15.95
N PHE A 159 4.90 11.23 -17.12
CA PHE A 159 5.17 12.61 -17.56
C PHE A 159 3.84 13.34 -17.62
N TYR A 160 2.76 12.57 -17.75
CA TYR A 160 1.42 13.11 -17.79
C TYR A 160 0.71 12.45 -16.64
N SER A 161 0.84 13.03 -15.45
CA SER A 161 0.21 12.46 -14.27
C SER A 161 -1.27 12.81 -14.14
N PRO A 162 -2.13 11.79 -14.04
CA PRO A 162 -3.55 12.08 -13.89
C PRO A 162 -3.83 12.86 -12.60
N ASP A 163 -2.88 12.78 -11.66
CA ASP A 163 -2.99 13.47 -10.38
C ASP A 163 -2.32 14.84 -10.46
N GLY A 164 -2.99 15.86 -9.92
CA GLY A 164 -2.43 17.20 -9.97
C GLY A 164 -1.93 17.79 -8.66
N GLU A 165 -2.62 17.49 -7.57
CA GLU A 165 -2.23 18.02 -6.27
C GLU A 165 -0.84 17.56 -5.85
N MET A 166 -0.33 16.53 -6.52
CA MET A 166 1.00 16.01 -6.20
C MET A 166 2.10 17.06 -6.43
N PHE A 167 1.82 18.06 -7.27
CA PHE A 167 2.81 19.11 -7.51
C PHE A 167 2.81 20.07 -6.32
N ASP A 168 1.69 20.15 -5.63
CA ASP A 168 1.58 21.00 -4.44
C ASP A 168 2.44 20.39 -3.35
N VAL A 169 2.34 19.07 -3.19
CA VAL A 169 3.12 18.36 -2.20
C VAL A 169 4.62 18.58 -2.47
N MET A 170 5.06 18.25 -3.68
CA MET A 170 6.47 18.41 -4.05
C MET A 170 7.00 19.79 -3.69
N GLU A 171 6.19 20.81 -3.90
CA GLU A 171 6.58 22.17 -3.59
C GLU A 171 6.72 22.30 -2.09
N LYS A 172 5.68 21.86 -1.38
CA LYS A 172 5.69 21.93 0.09
C LYS A 172 6.91 21.25 0.71
N TYR A 173 7.49 20.29 0.00
CA TYR A 173 8.65 19.59 0.52
C TYR A 173 9.94 19.98 -0.17
N GLY A 174 9.91 21.15 -0.78
CA GLY A 174 11.08 21.68 -1.45
C GLY A 174 11.72 20.92 -2.58
N ILE A 175 10.92 20.21 -3.37
CA ILE A 175 11.49 19.50 -4.49
C ILE A 175 12.04 20.57 -5.44
N LEU A 176 13.23 20.32 -5.99
CA LEU A 176 13.86 21.28 -6.89
C LEU A 176 13.48 21.12 -8.36
N GLY A 177 13.43 19.89 -8.84
CA GLY A 177 13.08 19.70 -10.23
C GLY A 177 12.46 18.34 -10.41
N VAL A 178 11.58 18.22 -11.40
CA VAL A 178 10.92 16.96 -11.69
C VAL A 178 11.52 16.38 -12.95
N GLU A 179 11.84 15.08 -12.92
CA GLU A 179 12.39 14.40 -14.09
C GLU A 179 11.95 12.94 -14.07
N MET A 180 12.65 12.06 -14.79
CA MET A 180 12.23 10.66 -14.85
C MET A 180 13.32 9.58 -14.83
N GLU A 181 14.40 9.76 -14.07
CA GLU A 181 15.45 8.75 -14.09
C GLU A 181 16.24 8.61 -12.80
N ALA A 182 16.67 9.74 -12.25
CA ALA A 182 17.46 9.79 -11.02
C ALA A 182 17.24 8.69 -9.98
N ALA A 183 15.99 8.48 -9.54
CA ALA A 183 15.68 7.47 -8.54
C ALA A 183 16.01 6.05 -9.00
N GLY A 184 15.89 5.80 -10.31
CA GLY A 184 16.20 4.49 -10.86
C GLY A 184 17.70 4.28 -10.97
N ILE A 185 18.40 5.31 -11.41
CA ILE A 185 19.86 5.24 -11.52
C ILE A 185 20.49 5.03 -10.14
N TYR A 186 19.96 5.73 -9.14
CA TYR A 186 20.48 5.62 -7.79
C TYR A 186 20.26 4.24 -7.20
N GLY A 187 19.10 3.65 -7.48
CA GLY A 187 18.82 2.32 -6.95
C GLY A 187 19.76 1.28 -7.52
N VAL A 188 20.07 1.41 -8.81
CA VAL A 188 20.96 0.48 -9.49
C VAL A 188 22.37 0.60 -8.92
N ALA A 189 22.87 1.83 -8.82
CA ALA A 189 24.21 2.08 -8.28
C ALA A 189 24.33 1.41 -6.92
N ALA A 190 23.35 1.65 -6.06
CA ALA A 190 23.34 1.07 -4.72
C ALA A 190 23.35 -0.46 -4.83
N GLU A 191 22.54 -0.98 -5.75
CA GLU A 191 22.42 -2.42 -5.95
C GLU A 191 23.70 -3.13 -6.37
N PHE A 192 24.49 -2.50 -7.23
CA PHE A 192 25.72 -3.15 -7.67
C PHE A 192 26.96 -2.41 -7.24
N GLY A 193 26.84 -1.65 -6.14
CA GLY A 193 27.97 -0.92 -5.60
C GLY A 193 28.74 -0.01 -6.53
N ALA A 194 28.06 0.99 -7.09
CA ALA A 194 28.72 1.94 -7.97
C ALA A 194 28.27 3.34 -7.56
N LYS A 195 28.92 4.37 -8.10
CA LYS A 195 28.57 5.74 -7.75
C LYS A 195 27.85 6.41 -8.91
N ALA A 196 26.87 7.25 -8.59
CA ALA A 196 26.12 7.93 -9.63
C ALA A 196 25.70 9.35 -9.22
N LEU A 197 25.42 10.19 -10.22
CA LEU A 197 24.97 11.55 -9.99
C LEU A 197 24.06 12.02 -11.12
N THR A 198 23.17 12.95 -10.81
CA THR A 198 22.27 13.52 -11.79
C THR A 198 22.34 15.03 -11.66
N ILE A 199 22.58 15.69 -12.79
CA ILE A 199 22.66 17.13 -12.85
C ILE A 199 21.62 17.52 -13.88
N CYS A 200 20.78 18.50 -13.54
CA CYS A 200 19.73 18.92 -14.46
C CYS A 200 19.72 20.43 -14.64
N THR A 201 19.03 20.86 -15.70
CA THR A 201 18.86 22.27 -16.01
C THR A 201 17.36 22.50 -16.17
N VAL A 202 16.84 23.54 -15.53
CA VAL A 202 15.42 23.83 -15.61
C VAL A 202 15.04 24.22 -17.02
N SER A 203 14.28 23.35 -17.69
CA SER A 203 13.84 23.61 -19.06
C SER A 203 12.49 24.31 -19.06
N ASP A 204 11.58 23.84 -18.22
CA ASP A 204 10.27 24.47 -18.11
C ASP A 204 9.94 24.63 -16.63
N HIS A 205 9.06 25.56 -16.32
CA HIS A 205 8.68 25.81 -14.94
C HIS A 205 7.27 25.30 -14.66
N ILE A 206 6.82 24.33 -15.47
CA ILE A 206 5.49 23.73 -15.35
C ILE A 206 4.41 24.79 -15.10
N ARG A 207 4.43 25.39 -13.91
CA ARG A 207 3.48 26.44 -13.56
C ARG A 207 3.51 27.57 -14.58
N THR A 208 4.52 28.44 -14.48
CA THR A 208 4.66 29.56 -15.39
C THR A 208 5.99 29.50 -16.14
N HIS A 209 5.92 29.35 -17.47
CA HIS A 209 7.13 29.29 -18.29
C HIS A 209 7.33 30.56 -19.09
N GLU A 210 8.59 30.98 -19.20
CA GLU A 210 8.94 32.18 -19.95
C GLU A 210 9.20 31.85 -21.42
N GLN A 211 10.36 32.29 -21.93
CA GLN A 211 10.72 32.03 -23.31
C GLN A 211 12.23 31.91 -23.47
N THR A 212 12.72 30.69 -23.66
CA THR A 212 14.15 30.46 -23.84
C THR A 212 14.44 30.23 -25.32
N THR A 213 15.56 30.75 -25.79
CA THR A 213 15.94 30.59 -27.19
C THR A 213 16.81 29.35 -27.35
N ALA A 214 16.92 28.85 -28.59
CA ALA A 214 17.75 27.68 -28.85
C ALA A 214 19.20 28.06 -28.66
N ALA A 215 19.45 29.38 -28.66
CA ALA A 215 20.79 29.92 -28.47
C ALA A 215 21.16 29.84 -27.00
N GLU A 216 20.28 30.37 -26.15
CA GLU A 216 20.47 30.35 -24.70
C GLU A 216 20.50 28.92 -24.20
N ARG A 217 19.52 28.16 -24.69
CA ARG A 217 19.36 26.76 -24.31
C ARG A 217 20.54 25.85 -24.59
N GLN A 218 21.34 26.17 -25.61
CA GLN A 218 22.52 25.34 -25.89
C GLN A 218 23.65 25.73 -24.96
N THR A 219 23.70 27.01 -24.62
CA THR A 219 24.71 27.52 -23.72
C THR A 219 24.58 26.85 -22.36
N THR A 220 23.36 26.82 -21.85
CA THR A 220 23.10 26.19 -20.56
C THR A 220 23.51 24.72 -20.64
N PHE A 221 23.12 24.07 -21.73
CA PHE A 221 23.47 22.67 -21.91
C PHE A 221 24.98 22.45 -21.93
N ASN A 222 25.71 23.28 -22.69
CA ASN A 222 27.15 23.14 -22.74
C ASN A 222 27.76 23.47 -21.38
N ASP A 223 27.11 24.36 -20.63
CA ASP A 223 27.58 24.73 -19.30
C ASP A 223 27.49 23.51 -18.37
N MET A 224 26.39 22.76 -18.52
CA MET A 224 26.16 21.56 -17.72
C MET A 224 27.20 20.47 -18.02
N ILE A 225 27.54 20.29 -19.30
CA ILE A 225 28.53 19.27 -19.67
C ILE A 225 29.94 19.60 -19.16
N LYS A 226 30.29 20.89 -19.14
CA LYS A 226 31.59 21.33 -18.65
C LYS A 226 31.59 21.01 -17.16
N ILE A 227 30.51 21.36 -16.47
CA ILE A 227 30.40 21.07 -15.05
C ILE A 227 30.58 19.58 -14.82
N ALA A 228 29.84 18.77 -15.56
CA ALA A 228 29.95 17.32 -15.42
C ALA A 228 31.36 16.81 -15.72
N LEU A 229 31.98 17.34 -16.78
CA LEU A 229 33.34 16.93 -17.18
C LEU A 229 34.45 17.39 -16.21
N GLU A 230 34.38 18.66 -15.79
CA GLU A 230 35.35 19.19 -14.86
C GLU A 230 35.25 18.50 -13.51
N SER A 231 34.04 18.09 -13.13
CA SER A 231 33.83 17.42 -11.84
C SER A 231 34.51 16.06 -11.78
N VAL A 232 34.61 15.37 -12.91
CA VAL A 232 35.26 14.07 -12.98
C VAL A 232 36.72 14.27 -12.58
N LEU A 233 37.37 15.21 -13.27
CA LEU A 233 38.78 15.53 -13.01
C LEU A 233 39.02 15.85 -11.53
N LEU A 234 38.16 16.68 -10.94
CA LEU A 234 38.27 16.99 -9.52
C LEU A 234 38.13 15.68 -8.77
N GLY A 235 37.17 14.88 -9.19
CA GLY A 235 36.98 13.58 -8.57
C GLY A 235 38.29 12.83 -8.60
N ASP A 236 38.99 12.93 -9.72
CA ASP A 236 40.28 12.25 -9.86
C ASP A 236 41.31 12.83 -8.89
N LYS A 237 40.96 13.97 -8.28
CA LYS A 237 41.78 14.70 -7.29
C LYS A 237 42.17 16.09 -7.80
N ALA B 1 -17.70 -36.33 -1.62
CA ALA B 1 -18.35 -35.07 -1.26
C ALA B 1 -17.33 -33.99 -0.91
N THR B 2 -17.84 -32.79 -0.65
CA THR B 2 -17.00 -31.64 -0.31
C THR B 2 -17.62 -30.88 0.86
N PRO B 3 -16.82 -30.10 1.59
CA PRO B 3 -17.31 -29.32 2.74
C PRO B 3 -18.55 -28.48 2.46
N HIS B 4 -18.67 -27.95 1.24
CA HIS B 4 -19.81 -27.10 0.91
C HIS B 4 -20.74 -27.67 -0.15
N ILE B 5 -20.34 -28.78 -0.77
CA ILE B 5 -21.14 -29.44 -1.79
C ILE B 5 -21.26 -30.94 -1.45
N ASN B 6 -22.48 -31.37 -1.19
CA ASN B 6 -22.73 -32.77 -0.86
C ASN B 6 -23.20 -33.55 -2.09
N ALA B 7 -22.27 -33.88 -2.96
CA ALA B 7 -22.55 -34.63 -4.18
C ALA B 7 -21.35 -35.51 -4.46
N GLU B 8 -21.38 -36.21 -5.59
CA GLU B 8 -20.28 -37.09 -5.96
C GLU B 8 -19.82 -36.90 -7.40
N MET B 9 -18.58 -37.29 -7.67
CA MET B 9 -17.99 -37.17 -8.98
C MET B 9 -18.96 -37.76 -10.01
N GLY B 10 -19.35 -36.95 -10.99
CA GLY B 10 -20.28 -37.41 -12.01
C GLY B 10 -21.59 -36.64 -11.93
N ASP B 11 -21.91 -36.15 -10.74
CA ASP B 11 -23.14 -35.40 -10.53
C ASP B 11 -23.23 -34.11 -11.36
N PHE B 12 -22.11 -33.46 -11.61
CA PHE B 12 -22.08 -32.23 -12.41
C PHE B 12 -21.55 -32.44 -13.84
N ALA B 13 -21.93 -31.55 -14.75
CA ALA B 13 -21.45 -31.61 -16.13
C ALA B 13 -20.07 -30.96 -16.10
N ASP B 14 -19.33 -31.03 -17.21
CA ASP B 14 -17.99 -30.42 -17.20
C ASP B 14 -18.11 -28.92 -17.43
N VAL B 15 -19.35 -28.46 -17.49
CA VAL B 15 -19.67 -27.06 -17.69
C VAL B 15 -20.71 -26.69 -16.65
N VAL B 16 -20.48 -25.59 -15.93
CA VAL B 16 -21.41 -25.17 -14.90
C VAL B 16 -21.80 -23.69 -15.04
N LEU B 17 -23.09 -23.43 -15.12
CA LEU B 17 -23.60 -22.05 -15.19
C LEU B 17 -23.86 -21.64 -13.74
N MET B 18 -23.39 -20.46 -13.36
CA MET B 18 -23.58 -20.03 -11.98
C MET B 18 -24.17 -18.66 -11.72
N PRO B 19 -25.43 -18.61 -11.26
CA PRO B 19 -26.10 -17.35 -10.95
C PRO B 19 -25.77 -17.08 -9.47
N GLY B 20 -25.90 -15.85 -9.00
CA GLY B 20 -25.59 -15.57 -7.62
C GLY B 20 -26.62 -16.14 -6.65
N ASP B 21 -27.88 -16.09 -7.07
CA ASP B 21 -29.00 -16.58 -6.26
C ASP B 21 -29.35 -18.05 -6.55
N PRO B 22 -29.49 -18.86 -5.49
CA PRO B 22 -29.83 -20.28 -5.61
C PRO B 22 -31.22 -20.51 -6.23
N LEU B 23 -32.16 -19.65 -5.84
CA LEU B 23 -33.52 -19.75 -6.35
C LEU B 23 -33.49 -19.45 -7.85
N ARG B 24 -32.52 -18.67 -8.29
CA ARG B 24 -32.41 -18.34 -9.69
C ARG B 24 -31.77 -19.51 -10.45
N ALA B 25 -31.02 -20.33 -9.73
CA ALA B 25 -30.36 -21.47 -10.37
C ALA B 25 -31.40 -22.56 -10.63
N LYS B 26 -32.45 -22.57 -9.82
CA LYS B 26 -33.53 -23.53 -9.95
C LYS B 26 -34.46 -23.10 -11.10
N TYR B 27 -34.61 -21.78 -11.24
CA TYR B 27 -35.42 -21.18 -12.29
C TYR B 27 -34.83 -21.49 -13.66
N ILE B 28 -33.50 -21.54 -13.74
CA ILE B 28 -32.80 -21.85 -14.99
C ILE B 28 -32.93 -23.32 -15.36
N ALA B 29 -32.79 -24.20 -14.37
CA ALA B 29 -32.90 -25.63 -14.61
C ALA B 29 -34.33 -25.95 -15.06
N GLU B 30 -35.29 -25.24 -14.51
CA GLU B 30 -36.70 -25.42 -14.83
C GLU B 30 -37.08 -24.96 -16.22
N THR B 31 -36.61 -23.77 -16.59
CA THR B 31 -36.93 -23.19 -17.89
C THR B 31 -36.15 -23.70 -19.10
N PHE B 32 -34.86 -24.01 -18.92
CA PHE B 32 -34.06 -24.45 -20.06
C PHE B 32 -33.48 -25.86 -20.10
N LEU B 33 -33.46 -26.57 -18.97
CA LEU B 33 -32.88 -27.92 -18.99
C LEU B 33 -33.90 -29.04 -19.03
N GLU B 34 -33.56 -30.10 -19.76
CA GLU B 34 -34.39 -31.29 -19.90
C GLU B 34 -33.89 -32.32 -18.90
N ASP B 35 -34.81 -32.96 -18.17
CA ASP B 35 -34.44 -33.98 -17.19
C ASP B 35 -33.46 -33.48 -16.12
N ALA B 36 -33.81 -32.38 -15.45
CA ALA B 36 -32.96 -31.78 -14.42
C ALA B 36 -33.15 -32.38 -13.03
N ARG B 37 -32.03 -32.74 -12.41
CA ARG B 37 -32.04 -33.33 -11.07
C ARG B 37 -31.23 -32.46 -10.10
N GLU B 38 -31.71 -32.33 -8.86
CA GLU B 38 -30.98 -31.54 -7.86
C GLU B 38 -29.80 -32.37 -7.38
N VAL B 39 -28.59 -31.84 -7.53
CA VAL B 39 -27.38 -32.56 -7.12
C VAL B 39 -26.70 -32.03 -5.86
N ASN B 40 -27.27 -30.97 -5.28
CA ASN B 40 -26.71 -30.37 -4.06
C ASN B 40 -27.70 -29.39 -3.44
N ASN B 41 -27.67 -29.28 -2.12
CA ASN B 41 -28.57 -28.38 -1.43
C ASN B 41 -28.01 -27.96 -0.07
N VAL B 42 -26.70 -28.14 0.11
CA VAL B 42 -26.04 -27.77 1.36
C VAL B 42 -26.08 -26.26 1.55
N ARG B 43 -26.57 -25.82 2.72
CA ARG B 43 -26.68 -24.38 3.04
C ARG B 43 -27.68 -23.72 2.12
N GLY B 44 -28.47 -24.54 1.44
CA GLY B 44 -29.48 -24.03 0.53
C GLY B 44 -28.95 -23.54 -0.80
N MET B 45 -27.71 -23.88 -1.13
CA MET B 45 -27.11 -23.45 -2.39
C MET B 45 -27.37 -24.49 -3.50
N LEU B 46 -28.62 -24.49 -3.99
CA LEU B 46 -29.10 -25.41 -5.01
C LEU B 46 -28.24 -25.59 -6.26
N GLY B 47 -28.05 -26.85 -6.64
CA GLY B 47 -27.28 -27.20 -7.83
C GLY B 47 -28.06 -28.23 -8.62
N PHE B 48 -28.08 -28.09 -9.94
CA PHE B 48 -28.83 -29.01 -10.79
C PHE B 48 -28.04 -29.50 -11.99
N THR B 49 -28.44 -30.68 -12.50
CA THR B 49 -27.81 -31.25 -13.68
C THR B 49 -28.90 -31.74 -14.62
N GLY B 50 -28.70 -31.48 -15.91
CA GLY B 50 -29.65 -31.87 -16.93
C GLY B 50 -29.01 -31.71 -18.30
N THR B 51 -29.81 -31.61 -19.35
CA THR B 51 -29.27 -31.44 -20.69
C THR B 51 -30.03 -30.40 -21.49
N TYR B 52 -29.31 -29.74 -22.38
CA TYR B 52 -29.87 -28.72 -23.26
C TYR B 52 -29.58 -29.17 -24.68
N LYS B 53 -30.64 -29.36 -25.47
CA LYS B 53 -30.47 -29.82 -26.84
C LYS B 53 -29.49 -30.99 -26.85
N GLY B 54 -29.71 -31.93 -25.92
CA GLY B 54 -28.88 -33.12 -25.83
C GLY B 54 -27.54 -33.02 -25.12
N ARG B 55 -27.12 -31.82 -24.74
CA ARG B 55 -25.82 -31.59 -24.08
C ARG B 55 -25.96 -31.57 -22.55
N LYS B 56 -25.12 -32.31 -21.84
CA LYS B 56 -25.15 -32.34 -20.37
C LYS B 56 -24.63 -31.02 -19.79
N ILE B 57 -25.52 -30.29 -19.10
CA ILE B 57 -25.17 -29.00 -18.50
C ILE B 57 -25.61 -28.98 -17.04
N SER B 58 -24.91 -28.19 -16.23
CA SER B 58 -25.26 -28.04 -14.82
C SER B 58 -25.47 -26.56 -14.50
N VAL B 59 -26.17 -26.28 -13.42
CA VAL B 59 -26.38 -24.91 -13.02
C VAL B 59 -26.42 -24.85 -11.49
N MET B 60 -25.67 -23.92 -10.90
CA MET B 60 -25.63 -23.81 -9.45
C MET B 60 -25.29 -22.40 -8.97
N GLY B 61 -25.98 -21.94 -7.93
CA GLY B 61 -25.71 -20.61 -7.40
C GLY B 61 -24.32 -20.56 -6.78
N HIS B 62 -23.78 -19.35 -6.61
CA HIS B 62 -22.47 -19.21 -6.02
C HIS B 62 -22.45 -18.21 -4.86
N GLY B 63 -23.61 -17.72 -4.46
CA GLY B 63 -23.68 -16.77 -3.35
C GLY B 63 -23.12 -15.41 -3.71
N MET B 64 -23.28 -14.43 -2.83
CA MET B 64 -22.79 -13.06 -3.09
C MET B 64 -21.36 -12.84 -2.64
N GLY B 65 -20.55 -12.23 -3.49
CA GLY B 65 -19.18 -11.94 -3.10
C GLY B 65 -18.09 -12.93 -3.50
N ILE B 66 -16.90 -12.38 -3.69
CA ILE B 66 -15.72 -13.13 -4.08
C ILE B 66 -15.39 -14.28 -3.12
N PRO B 67 -15.45 -14.04 -1.79
CA PRO B 67 -15.13 -15.14 -0.86
C PRO B 67 -16.07 -16.35 -1.04
N SER B 68 -17.33 -16.05 -1.34
CA SER B 68 -18.35 -17.06 -1.52
C SER B 68 -18.20 -17.84 -2.81
N CYS B 69 -18.21 -17.16 -3.96
CA CYS B 69 -18.08 -17.85 -5.23
C CYS B 69 -16.72 -18.55 -5.39
N SER B 70 -15.70 -18.07 -4.70
CA SER B 70 -14.37 -18.66 -4.75
C SER B 70 -14.37 -20.09 -4.19
N ILE B 71 -15.04 -20.30 -3.05
CA ILE B 71 -15.13 -21.62 -2.45
C ILE B 71 -15.80 -22.65 -3.38
N TYR B 72 -16.92 -22.25 -3.98
CA TYR B 72 -17.65 -23.15 -4.87
C TYR B 72 -16.96 -23.46 -6.19
N THR B 73 -16.48 -22.44 -6.88
CA THR B 73 -15.82 -22.70 -8.15
C THR B 73 -14.58 -23.58 -7.94
N LYS B 74 -13.90 -23.38 -6.81
CA LYS B 74 -12.71 -24.15 -6.48
C LYS B 74 -13.03 -25.63 -6.23
N GLU B 75 -14.09 -25.87 -5.47
CA GLU B 75 -14.50 -27.23 -5.16
C GLU B 75 -14.99 -27.99 -6.40
N LEU B 76 -15.58 -27.26 -7.35
CA LEU B 76 -16.09 -27.85 -8.58
C LEU B 76 -14.97 -28.25 -9.53
N ILE B 77 -14.02 -27.33 -9.71
CA ILE B 77 -12.87 -27.52 -10.59
C ILE B 77 -11.94 -28.62 -10.09
N THR B 78 -11.68 -28.66 -8.79
CA THR B 78 -10.78 -29.65 -8.23
C THR B 78 -11.40 -30.90 -7.60
N ASP B 79 -12.72 -30.97 -7.48
CA ASP B 79 -13.32 -32.16 -6.89
C ASP B 79 -14.44 -32.78 -7.72
N PHE B 80 -14.94 -32.05 -8.71
CA PHE B 80 -16.01 -32.57 -9.55
C PHE B 80 -15.69 -32.48 -11.03
N GLY B 81 -14.39 -32.35 -11.31
CA GLY B 81 -13.88 -32.29 -12.67
C GLY B 81 -14.38 -31.23 -13.62
N VAL B 82 -14.94 -30.15 -13.08
CA VAL B 82 -15.46 -29.07 -13.93
C VAL B 82 -14.34 -28.37 -14.70
N LYS B 83 -14.57 -28.10 -15.98
CA LYS B 83 -13.56 -27.44 -16.79
C LYS B 83 -13.94 -26.00 -17.15
N LYS B 84 -15.23 -25.71 -17.23
CA LYS B 84 -15.71 -24.38 -17.58
C LYS B 84 -16.74 -23.84 -16.59
N ILE B 85 -16.68 -22.54 -16.34
CA ILE B 85 -17.63 -21.90 -15.45
C ILE B 85 -18.09 -20.62 -16.09
N ILE B 86 -19.39 -20.49 -16.30
CA ILE B 86 -19.96 -19.29 -16.90
C ILE B 86 -20.88 -18.61 -15.87
N ARG B 87 -20.43 -17.49 -15.33
CA ARG B 87 -21.26 -16.78 -14.38
C ARG B 87 -22.28 -15.93 -15.14
N VAL B 88 -23.55 -16.12 -14.83
CA VAL B 88 -24.63 -15.37 -15.47
C VAL B 88 -25.32 -14.55 -14.37
N GLY B 89 -25.01 -13.26 -14.29
CA GLY B 89 -25.59 -12.44 -13.24
C GLY B 89 -26.11 -11.07 -13.62
N SER B 90 -26.16 -10.20 -12.60
CA SER B 90 -26.64 -8.85 -12.75
C SER B 90 -25.57 -7.82 -12.37
N CYS B 91 -25.57 -6.66 -13.03
CA CYS B 91 -24.60 -5.60 -12.71
C CYS B 91 -25.19 -4.21 -12.85
N GLY B 92 -24.53 -3.23 -12.25
CA GLY B 92 -24.98 -1.84 -12.30
C GLY B 92 -24.22 -1.06 -13.37
N ALA B 93 -24.90 -0.14 -14.05
CA ALA B 93 -24.26 0.63 -15.11
C ALA B 93 -23.55 1.89 -14.61
N VAL B 94 -22.42 2.22 -15.24
CA VAL B 94 -21.66 3.40 -14.85
C VAL B 94 -21.52 4.36 -16.05
N LEU B 95 -21.33 3.81 -17.25
CA LEU B 95 -21.19 4.63 -18.45
C LEU B 95 -22.58 4.98 -19.00
N PRO B 96 -22.77 6.25 -19.39
CA PRO B 96 -24.04 6.72 -19.94
C PRO B 96 -24.51 6.02 -21.21
N HIS B 97 -23.58 5.71 -22.12
CA HIS B 97 -23.98 5.02 -23.35
C HIS B 97 -24.28 3.55 -23.14
N VAL B 98 -24.44 3.16 -21.88
CA VAL B 98 -24.76 1.78 -21.53
C VAL B 98 -26.18 1.84 -20.97
N LYS B 99 -27.11 1.14 -21.61
CA LYS B 99 -28.51 1.16 -21.20
C LYS B 99 -29.00 -0.08 -20.48
N LEU B 100 -30.13 0.08 -19.78
CA LEU B 100 -30.74 -1.02 -19.06
C LEU B 100 -30.95 -2.15 -20.05
N ARG B 101 -30.85 -3.38 -19.57
CA ARG B 101 -31.03 -4.54 -20.42
C ARG B 101 -30.01 -4.66 -21.56
N ASP B 102 -28.75 -4.39 -21.24
CA ASP B 102 -27.67 -4.53 -22.21
C ASP B 102 -26.91 -5.74 -21.71
N VAL B 103 -26.54 -6.64 -22.62
CA VAL B 103 -25.79 -7.82 -22.22
C VAL B 103 -24.31 -7.47 -22.30
N VAL B 104 -23.62 -7.54 -21.17
CA VAL B 104 -22.20 -7.24 -21.15
C VAL B 104 -21.39 -8.50 -20.87
N ILE B 105 -20.24 -8.62 -21.53
CA ILE B 105 -19.37 -9.77 -21.34
C ILE B 105 -18.03 -9.27 -20.81
N GLY B 106 -17.63 -9.76 -19.64
CA GLY B 106 -16.39 -9.31 -19.04
C GLY B 106 -15.13 -10.00 -19.51
N MET B 107 -14.42 -9.39 -20.45
CA MET B 107 -13.18 -9.96 -20.95
C MET B 107 -12.17 -9.89 -19.80
N GLY B 108 -12.34 -8.86 -18.97
CA GLY B 108 -11.48 -8.64 -17.82
C GLY B 108 -12.32 -8.14 -16.65
N ALA B 109 -11.73 -8.06 -15.46
CA ALA B 109 -12.47 -7.59 -14.32
C ALA B 109 -11.57 -6.90 -13.29
N CYS B 110 -11.84 -5.62 -13.04
CA CYS B 110 -11.07 -4.85 -12.06
C CYS B 110 -11.64 -5.18 -10.67
N THR B 111 -10.91 -4.83 -9.61
CA THR B 111 -11.41 -5.13 -8.26
C THR B 111 -10.83 -4.30 -7.12
N ASP B 112 -11.54 -4.24 -6.00
CA ASP B 112 -11.05 -3.52 -4.84
C ASP B 112 -10.71 -4.55 -3.76
N SER B 113 -10.80 -5.83 -4.14
CA SER B 113 -10.47 -6.92 -3.25
C SER B 113 -8.94 -7.08 -3.17
N LYS B 114 -8.48 -7.90 -2.25
CA LYS B 114 -7.05 -8.09 -2.07
C LYS B 114 -6.65 -9.56 -2.36
N VAL B 115 -7.60 -10.36 -2.82
CA VAL B 115 -7.34 -11.77 -3.08
C VAL B 115 -6.26 -12.05 -4.10
N ASN B 116 -6.32 -11.39 -5.25
CA ASN B 116 -5.34 -11.59 -6.32
C ASN B 116 -3.95 -11.03 -6.00
N ARG B 117 -3.88 -9.99 -5.17
CA ARG B 117 -2.57 -9.43 -4.79
C ARG B 117 -1.92 -10.44 -3.87
N ILE B 118 -2.75 -11.16 -3.12
CA ILE B 118 -2.28 -12.16 -2.21
C ILE B 118 -1.72 -13.32 -3.02
N ARG B 119 -2.36 -13.66 -4.13
CA ARG B 119 -1.85 -14.75 -4.97
C ARG B 119 -0.69 -14.28 -5.84
N PHE B 120 -0.68 -12.99 -6.19
CA PHE B 120 0.34 -12.50 -7.10
C PHE B 120 1.47 -11.69 -6.48
N LYS B 121 1.91 -12.08 -5.30
CA LYS B 121 3.01 -11.39 -4.61
C LYS B 121 2.87 -9.88 -4.51
N ASP B 122 1.63 -9.41 -4.43
CA ASP B 122 1.33 -8.00 -4.31
C ASP B 122 1.49 -7.12 -5.54
N HIS B 123 1.54 -7.73 -6.73
CA HIS B 123 1.63 -6.95 -7.97
C HIS B 123 0.25 -6.99 -8.60
N ASP B 124 0.13 -6.50 -9.83
CA ASP B 124 -1.15 -6.47 -10.55
C ASP B 124 -1.35 -7.71 -11.41
N PHE B 125 -2.34 -8.50 -11.06
CA PHE B 125 -2.67 -9.68 -11.85
C PHE B 125 -3.87 -9.23 -12.65
N ALA B 126 -3.81 -9.31 -13.98
CA ALA B 126 -4.95 -8.92 -14.78
C ALA B 126 -5.90 -10.11 -14.82
N ALA B 127 -7.03 -9.99 -14.13
CA ALA B 127 -8.01 -11.06 -14.09
C ALA B 127 -8.81 -11.07 -15.40
N ILE B 128 -8.59 -12.07 -16.24
CA ILE B 128 -9.29 -12.17 -17.52
C ILE B 128 -9.95 -13.52 -17.74
N ALA B 129 -10.92 -13.53 -18.66
CA ALA B 129 -11.66 -14.72 -19.01
C ALA B 129 -10.92 -15.53 -20.06
N ASP B 130 -11.51 -16.66 -20.46
CA ASP B 130 -10.91 -17.47 -21.51
C ASP B 130 -11.34 -16.86 -22.84
N PHE B 131 -10.37 -16.53 -23.68
CA PHE B 131 -10.66 -15.92 -24.97
C PHE B 131 -11.69 -16.65 -25.81
N ASP B 132 -11.59 -17.97 -25.88
CA ASP B 132 -12.54 -18.72 -26.70
C ASP B 132 -13.96 -18.60 -26.18
N MET B 133 -14.11 -18.68 -24.86
CA MET B 133 -15.41 -18.56 -24.23
C MET B 133 -16.03 -17.19 -24.53
N VAL B 134 -15.20 -16.14 -24.52
CA VAL B 134 -15.65 -14.78 -24.82
C VAL B 134 -16.15 -14.75 -26.26
N ARG B 135 -15.39 -15.37 -27.16
CA ARG B 135 -15.75 -15.41 -28.57
C ARG B 135 -17.02 -16.25 -28.80
N ASN B 136 -17.12 -17.41 -28.17
CA ASN B 136 -18.31 -18.24 -28.32
C ASN B 136 -19.52 -17.43 -27.88
N ALA B 137 -19.36 -16.75 -26.76
CA ALA B 137 -20.44 -15.94 -26.20
C ALA B 137 -20.83 -14.82 -27.15
N VAL B 138 -19.84 -14.18 -27.76
CA VAL B 138 -20.07 -13.10 -28.70
C VAL B 138 -20.77 -13.57 -29.98
N ASP B 139 -20.41 -14.76 -30.44
CA ASP B 139 -21.01 -15.32 -31.64
C ASP B 139 -22.42 -15.84 -31.41
N ALA B 140 -22.68 -16.38 -30.22
CA ALA B 140 -24.00 -16.88 -29.90
C ALA B 140 -24.96 -15.70 -29.79
N ALA B 141 -24.55 -14.64 -29.10
CA ALA B 141 -25.40 -13.48 -28.94
C ALA B 141 -25.76 -12.90 -30.31
N LYS B 142 -24.82 -12.96 -31.25
CA LYS B 142 -25.10 -12.44 -32.58
C LYS B 142 -26.19 -13.26 -33.27
N ALA B 143 -26.08 -14.59 -33.19
CA ALA B 143 -27.08 -15.45 -33.81
C ALA B 143 -28.45 -15.11 -33.28
N LEU B 144 -28.55 -14.91 -31.97
CA LEU B 144 -29.83 -14.57 -31.34
C LEU B 144 -30.29 -13.14 -31.63
N GLY B 145 -29.44 -12.33 -32.26
CA GLY B 145 -29.82 -10.97 -32.57
C GLY B 145 -29.42 -9.91 -31.56
N ILE B 146 -28.71 -10.30 -30.51
CA ILE B 146 -28.27 -9.35 -29.48
C ILE B 146 -26.89 -8.75 -29.79
N ASP B 147 -26.72 -7.48 -29.43
CA ASP B 147 -25.47 -6.75 -29.66
C ASP B 147 -24.71 -6.58 -28.34
N ALA B 148 -24.03 -7.64 -27.91
CA ALA B 148 -23.29 -7.64 -26.65
C ALA B 148 -22.08 -6.73 -26.60
N ARG B 149 -21.84 -6.13 -25.43
CA ARG B 149 -20.71 -5.25 -25.22
C ARG B 149 -19.63 -6.06 -24.49
N VAL B 150 -18.39 -5.95 -24.96
CA VAL B 150 -17.29 -6.69 -24.35
C VAL B 150 -16.27 -5.73 -23.78
N GLY B 151 -16.08 -5.76 -22.46
CA GLY B 151 -15.12 -4.87 -21.84
C GLY B 151 -14.79 -5.26 -20.41
N ASN B 152 -14.51 -4.26 -19.59
CA ASN B 152 -14.16 -4.47 -18.19
C ASN B 152 -15.35 -4.37 -17.24
N LEU B 153 -15.28 -5.18 -16.18
CA LEU B 153 -16.29 -5.19 -15.14
C LEU B 153 -15.50 -4.81 -13.88
N PHE B 154 -16.20 -4.37 -12.84
CA PHE B 154 -15.52 -4.04 -11.60
C PHE B 154 -16.17 -4.93 -10.55
N SER B 155 -15.37 -5.70 -9.84
CA SER B 155 -15.88 -6.59 -8.80
C SER B 155 -15.62 -5.93 -7.46
N ALA B 156 -16.68 -5.40 -6.85
CA ALA B 156 -16.58 -4.70 -5.58
C ALA B 156 -16.72 -5.60 -4.35
N ASP B 157 -16.14 -5.16 -3.24
CA ASP B 157 -16.24 -5.92 -2.01
C ASP B 157 -17.36 -5.31 -1.16
N LEU B 158 -17.56 -4.00 -1.33
CA LEU B 158 -18.59 -3.28 -0.60
C LEU B 158 -19.72 -2.78 -1.51
N PHE B 159 -20.86 -3.47 -1.46
CA PHE B 159 -22.06 -3.13 -2.24
C PHE B 159 -22.54 -1.76 -1.80
N TYR B 160 -22.41 -1.49 -0.50
CA TYR B 160 -22.78 -0.21 0.05
C TYR B 160 -21.43 0.42 0.35
N SER B 161 -20.85 1.04 -0.68
CA SER B 161 -19.54 1.66 -0.56
C SER B 161 -19.48 2.93 0.28
N PRO B 162 -18.38 3.11 1.03
CA PRO B 162 -18.19 4.29 1.86
C PRO B 162 -17.85 5.46 0.95
N ASP B 163 -17.02 5.18 -0.05
CA ASP B 163 -16.57 6.17 -1.02
C ASP B 163 -17.67 6.66 -1.93
N GLY B 164 -17.77 6.07 -3.12
CA GLY B 164 -18.78 6.47 -4.07
C GLY B 164 -18.16 7.33 -5.15
N GLU B 165 -17.05 7.96 -4.81
CA GLU B 165 -16.33 8.81 -5.75
C GLU B 165 -15.48 7.91 -6.64
N MET B 166 -15.42 6.63 -6.29
CA MET B 166 -14.69 5.64 -7.05
C MET B 166 -15.48 5.38 -8.33
N PHE B 167 -16.77 5.72 -8.30
CA PHE B 167 -17.63 5.54 -9.46
C PHE B 167 -17.26 6.51 -10.59
N ASP B 168 -16.68 7.64 -10.21
CA ASP B 168 -16.23 8.63 -11.19
C ASP B 168 -15.03 8.02 -11.92
N VAL B 169 -14.20 7.33 -11.15
CA VAL B 169 -13.00 6.70 -11.69
C VAL B 169 -13.35 5.56 -12.64
N MET B 170 -14.30 4.72 -12.24
CA MET B 170 -14.73 3.59 -13.06
C MET B 170 -15.23 4.07 -14.42
N GLU B 171 -16.11 5.06 -14.42
CA GLU B 171 -16.65 5.58 -15.67
C GLU B 171 -15.54 6.19 -16.53
N LYS B 172 -14.52 6.77 -15.87
CA LYS B 172 -13.41 7.39 -16.58
C LYS B 172 -12.56 6.39 -17.34
N TYR B 173 -12.35 5.21 -16.75
CA TYR B 173 -11.56 4.16 -17.39
C TYR B 173 -12.39 3.13 -18.13
N GLY B 174 -13.61 3.54 -18.49
CA GLY B 174 -14.52 2.71 -19.25
C GLY B 174 -15.06 1.41 -18.70
N ILE B 175 -15.33 1.33 -17.40
CA ILE B 175 -15.86 0.11 -16.80
C ILE B 175 -17.28 -0.06 -17.33
N LEU B 176 -17.62 -1.24 -17.82
CA LEU B 176 -18.96 -1.49 -18.37
C LEU B 176 -20.06 -1.78 -17.36
N GLY B 177 -19.71 -2.39 -16.24
CA GLY B 177 -20.70 -2.68 -15.23
C GLY B 177 -20.02 -3.09 -13.95
N VAL B 178 -20.71 -2.94 -12.83
CA VAL B 178 -20.14 -3.31 -11.56
C VAL B 178 -20.95 -4.40 -10.88
N GLU B 179 -20.28 -5.48 -10.50
CA GLU B 179 -20.92 -6.61 -9.83
C GLU B 179 -20.03 -7.00 -8.66
N MET B 180 -20.01 -8.28 -8.28
CA MET B 180 -19.20 -8.66 -7.13
C MET B 180 -18.43 -9.98 -7.17
N GLU B 181 -18.36 -10.64 -8.32
CA GLU B 181 -17.64 -11.91 -8.33
C GLU B 181 -16.57 -12.13 -9.38
N ALA B 182 -16.78 -11.61 -10.59
CA ALA B 182 -15.85 -11.79 -11.71
C ALA B 182 -14.37 -11.93 -11.37
N ALA B 183 -13.77 -10.90 -10.77
CA ALA B 183 -12.35 -10.93 -10.42
C ALA B 183 -11.97 -12.14 -9.56
N GLY B 184 -12.90 -12.57 -8.71
CA GLY B 184 -12.64 -13.70 -7.83
C GLY B 184 -12.63 -15.02 -8.60
N ILE B 185 -13.62 -15.22 -9.46
CA ILE B 185 -13.71 -16.43 -10.25
C ILE B 185 -12.52 -16.56 -11.18
N TYR B 186 -12.17 -15.47 -11.86
CA TYR B 186 -11.04 -15.46 -12.77
C TYR B 186 -9.74 -15.78 -12.01
N GLY B 187 -9.63 -15.27 -10.79
CA GLY B 187 -8.44 -15.54 -10.01
C GLY B 187 -8.37 -17.03 -9.71
N VAL B 188 -9.51 -17.61 -9.36
CA VAL B 188 -9.60 -19.04 -9.06
C VAL B 188 -9.28 -19.87 -10.29
N ALA B 189 -9.85 -19.49 -11.44
CA ALA B 189 -9.64 -20.19 -12.70
C ALA B 189 -8.16 -20.22 -13.08
N ALA B 190 -7.49 -19.10 -12.85
CA ALA B 190 -6.07 -19.01 -13.16
C ALA B 190 -5.30 -19.91 -12.22
N GLU B 191 -5.65 -19.87 -10.94
CA GLU B 191 -4.96 -20.66 -9.93
C GLU B 191 -5.06 -22.18 -10.11
N PHE B 192 -6.22 -22.70 -10.47
CA PHE B 192 -6.37 -24.15 -10.62
C PHE B 192 -6.52 -24.63 -12.05
N GLY B 193 -6.15 -23.78 -13.00
CA GLY B 193 -6.21 -24.17 -14.40
C GLY B 193 -7.49 -24.61 -15.05
N ALA B 194 -8.56 -23.84 -14.89
CA ALA B 194 -9.82 -24.16 -15.55
C ALA B 194 -10.14 -22.95 -16.45
N LYS B 195 -11.35 -22.88 -17.01
CA LYS B 195 -11.71 -21.75 -17.86
C LYS B 195 -13.00 -21.12 -17.38
N ALA B 196 -13.02 -19.79 -17.28
CA ALA B 196 -14.22 -19.11 -16.79
C ALA B 196 -14.60 -17.88 -17.60
N LEU B 197 -15.89 -17.52 -17.53
CA LEU B 197 -16.43 -16.36 -18.21
C LEU B 197 -17.59 -15.77 -17.39
N THR B 198 -17.84 -14.48 -17.55
CA THR B 198 -18.92 -13.81 -16.86
C THR B 198 -19.74 -12.95 -17.83
N ILE B 199 -21.05 -13.18 -17.84
CA ILE B 199 -21.97 -12.42 -18.68
C ILE B 199 -22.93 -11.75 -17.71
N CYS B 200 -23.28 -10.49 -17.98
CA CYS B 200 -24.20 -9.76 -17.11
C CYS B 200 -25.21 -8.92 -17.86
N THR B 201 -26.33 -8.64 -17.23
CA THR B 201 -27.35 -7.77 -17.82
C THR B 201 -27.41 -6.58 -16.87
N VAL B 202 -27.48 -5.36 -17.42
CA VAL B 202 -27.54 -4.18 -16.57
C VAL B 202 -28.83 -4.14 -15.76
N SER B 203 -28.71 -4.34 -14.44
CA SER B 203 -29.87 -4.35 -13.56
C SER B 203 -30.37 -2.94 -13.31
N ASP B 204 -29.45 -1.99 -13.27
CA ASP B 204 -29.82 -0.60 -13.05
C ASP B 204 -28.66 0.29 -13.48
N HIS B 205 -28.87 1.60 -13.42
CA HIS B 205 -27.83 2.54 -13.81
C HIS B 205 -27.41 3.41 -12.65
N ILE B 206 -26.26 3.09 -12.07
CA ILE B 206 -25.72 3.84 -10.94
C ILE B 206 -26.03 5.33 -11.11
N ARG B 207 -25.76 5.83 -12.30
CA ARG B 207 -26.01 7.23 -12.60
C ARG B 207 -27.47 7.62 -12.30
N THR B 208 -28.42 6.83 -12.78
CA THR B 208 -29.83 7.13 -12.55
C THR B 208 -30.75 5.90 -12.42
N HIS B 209 -30.33 4.93 -11.62
CA HIS B 209 -31.07 3.69 -11.35
C HIS B 209 -32.21 3.45 -12.35
N GLU B 210 -33.42 3.22 -11.82
CA GLU B 210 -34.61 3.01 -12.63
C GLU B 210 -34.55 1.90 -13.69
N GLN B 211 -35.69 1.31 -14.01
CA GLN B 211 -35.79 0.25 -15.01
C GLN B 211 -37.03 0.42 -15.89
N THR B 212 -37.25 -0.54 -16.81
CA THR B 212 -38.40 -0.50 -17.72
C THR B 212 -39.58 -1.32 -17.20
N THR B 213 -39.95 -2.37 -17.94
CA THR B 213 -41.06 -3.23 -17.52
C THR B 213 -40.61 -4.66 -17.28
N ALA B 214 -41.16 -5.26 -16.23
CA ALA B 214 -40.85 -6.63 -15.84
C ALA B 214 -40.77 -7.59 -17.01
N ALA B 215 -41.72 -7.49 -17.93
CA ALA B 215 -41.74 -8.36 -19.09
C ALA B 215 -40.47 -8.24 -19.90
N GLU B 216 -40.01 -7.01 -20.11
CA GLU B 216 -38.77 -6.77 -20.87
C GLU B 216 -37.50 -7.16 -20.09
N ARG B 217 -37.47 -6.86 -18.80
CA ARG B 217 -36.33 -7.20 -17.95
C ARG B 217 -36.12 -8.71 -17.93
N GLN B 218 -37.21 -9.45 -17.87
CA GLN B 218 -37.15 -10.90 -17.82
C GLN B 218 -36.85 -11.55 -19.17
N THR B 219 -37.13 -10.83 -20.25
CA THR B 219 -36.84 -11.34 -21.60
C THR B 219 -35.33 -11.27 -21.82
N THR B 220 -34.73 -10.18 -21.34
CA THR B 220 -33.29 -9.97 -21.48
C THR B 220 -32.48 -10.93 -20.62
N PHE B 221 -33.03 -11.31 -19.46
CA PHE B 221 -32.32 -12.24 -18.59
C PHE B 221 -32.32 -13.60 -19.27
N ASN B 222 -33.40 -13.91 -19.99
CA ASN B 222 -33.49 -15.18 -20.69
C ASN B 222 -32.60 -15.16 -21.94
N ASP B 223 -32.43 -13.99 -22.55
CA ASP B 223 -31.55 -13.88 -23.71
C ASP B 223 -30.14 -14.17 -23.25
N MET B 224 -29.76 -13.63 -22.10
CA MET B 224 -28.43 -13.87 -21.54
C MET B 224 -28.18 -15.37 -21.34
N ILE B 225 -29.14 -16.05 -20.71
CA ILE B 225 -29.01 -17.48 -20.45
C ILE B 225 -28.90 -18.29 -21.75
N LYS B 226 -29.66 -17.92 -22.77
CA LYS B 226 -29.60 -18.64 -24.03
C LYS B 226 -28.21 -18.47 -24.64
N ILE B 227 -27.63 -17.27 -24.48
CA ILE B 227 -26.29 -17.01 -25.01
C ILE B 227 -25.29 -17.87 -24.28
N ALA B 228 -25.47 -17.99 -22.96
CA ALA B 228 -24.58 -18.80 -22.16
C ALA B 228 -24.67 -20.25 -22.64
N LEU B 229 -25.88 -20.81 -22.61
CA LEU B 229 -26.07 -22.20 -23.03
C LEU B 229 -25.64 -22.43 -24.47
N GLU B 230 -26.03 -21.56 -25.38
CA GLU B 230 -25.65 -21.71 -26.78
C GLU B 230 -24.13 -21.60 -27.00
N SER B 231 -23.47 -20.73 -26.25
CA SER B 231 -22.03 -20.56 -26.42
C SER B 231 -21.30 -21.87 -26.13
N VAL B 232 -21.86 -22.69 -25.25
CA VAL B 232 -21.26 -23.97 -24.91
C VAL B 232 -21.28 -24.94 -26.08
N LEU B 233 -22.44 -25.10 -26.70
CA LEU B 233 -22.57 -25.99 -27.84
C LEU B 233 -21.56 -25.53 -28.89
N LEU B 234 -21.56 -24.22 -29.11
CA LEU B 234 -20.68 -23.58 -30.07
C LEU B 234 -19.21 -23.96 -29.77
N GLY B 235 -18.87 -24.03 -28.49
CA GLY B 235 -17.52 -24.37 -28.10
C GLY B 235 -17.21 -25.84 -28.28
N ASP B 236 -18.25 -26.68 -28.29
CA ASP B 236 -18.03 -28.11 -28.46
C ASP B 236 -17.57 -28.37 -29.89
N LYS B 237 -18.05 -27.55 -30.82
CA LYS B 237 -17.70 -27.70 -32.24
C LYS B 237 -16.34 -27.09 -32.55
N ALA C 1 20.50 -7.51 33.46
CA ALA C 1 20.67 -6.17 32.91
C ALA C 1 20.52 -6.21 31.40
N THR C 2 19.53 -5.46 30.90
CA THR C 2 19.25 -5.39 29.46
C THR C 2 19.86 -4.11 28.87
N PRO C 3 19.92 -4.01 27.54
CA PRO C 3 20.48 -2.84 26.84
C PRO C 3 20.01 -1.49 27.36
N HIS C 4 18.76 -1.40 27.80
CA HIS C 4 18.21 -0.14 28.29
C HIS C 4 17.73 -0.17 29.75
N ILE C 5 17.94 -1.30 30.43
CA ILE C 5 17.52 -1.39 31.82
C ILE C 5 18.62 -2.01 32.67
N ASN C 6 19.09 -1.25 33.66
CA ASN C 6 20.14 -1.74 34.56
C ASN C 6 19.52 -2.24 35.85
N ALA C 7 19.18 -3.53 35.86
CA ALA C 7 18.59 -4.18 37.01
C ALA C 7 18.85 -5.66 36.83
N GLU C 8 18.59 -6.44 37.88
CA GLU C 8 18.80 -7.87 37.84
C GLU C 8 17.47 -8.59 37.99
N MET C 9 17.42 -9.83 37.54
CA MET C 9 16.19 -10.62 37.64
C MET C 9 15.66 -10.66 39.07
N GLY C 10 14.58 -9.93 39.31
CA GLY C 10 14.00 -9.91 40.65
C GLY C 10 13.62 -8.51 41.09
N ASP C 11 14.31 -7.50 40.56
CA ASP C 11 14.04 -6.11 40.92
C ASP C 11 12.63 -5.65 40.57
N PHE C 12 12.07 -6.19 39.51
CA PHE C 12 10.73 -5.81 39.10
C PHE C 12 9.70 -6.82 39.58
N ALA C 13 8.48 -6.34 39.81
CA ALA C 13 7.38 -7.20 40.23
C ALA C 13 6.86 -7.85 38.93
N ASP C 14 5.93 -8.78 39.05
CA ASP C 14 5.40 -9.43 37.85
C ASP C 14 4.40 -8.51 37.18
N VAL C 15 4.12 -7.38 37.83
CA VAL C 15 3.19 -6.40 37.30
C VAL C 15 3.80 -5.00 37.31
N VAL C 16 3.76 -4.33 36.16
CA VAL C 16 4.32 -2.99 36.04
C VAL C 16 3.31 -1.99 35.47
N LEU C 17 3.28 -0.79 36.05
CA LEU C 17 2.40 0.29 35.58
C LEU C 17 3.34 1.18 34.78
N MET C 18 2.90 1.66 33.61
CA MET C 18 3.80 2.48 32.82
C MET C 18 3.27 3.76 32.20
N PRO C 19 3.74 4.91 32.70
CA PRO C 19 3.31 6.20 32.17
C PRO C 19 4.40 6.58 31.17
N GLY C 20 4.11 7.45 30.22
CA GLY C 20 5.14 7.84 29.28
C GLY C 20 6.17 8.68 30.01
N ASP C 21 5.69 9.50 30.93
CA ASP C 21 6.50 10.42 31.73
C ASP C 21 7.31 9.74 32.84
N PRO C 22 8.66 9.78 32.78
CA PRO C 22 9.50 9.16 33.81
C PRO C 22 9.20 9.78 35.18
N LEU C 23 9.05 11.10 35.20
CA LEU C 23 8.75 11.84 36.41
C LEU C 23 7.40 11.42 36.99
N ARG C 24 6.47 11.03 36.13
CA ARG C 24 5.16 10.59 36.61
C ARG C 24 5.30 9.25 37.31
N ALA C 25 6.19 8.40 36.81
CA ALA C 25 6.40 7.10 37.42
C ALA C 25 6.85 7.36 38.86
N LYS C 26 7.77 8.32 39.01
CA LYS C 26 8.31 8.69 40.31
C LYS C 26 7.22 9.27 41.22
N TYR C 27 6.37 10.11 40.66
CA TYR C 27 5.30 10.71 41.45
C TYR C 27 4.39 9.60 41.95
N ILE C 28 4.15 8.61 41.10
CA ILE C 28 3.30 7.48 41.48
C ILE C 28 3.96 6.66 42.58
N ALA C 29 5.24 6.39 42.43
CA ALA C 29 5.96 5.60 43.42
C ALA C 29 5.92 6.31 44.78
N GLU C 30 6.09 7.62 44.78
CA GLU C 30 6.10 8.39 46.02
C GLU C 30 4.73 8.58 46.67
N THR C 31 3.67 8.50 45.88
CA THR C 31 2.33 8.71 46.40
C THR C 31 1.54 7.43 46.67
N PHE C 32 1.77 6.38 45.91
CA PHE C 32 0.97 5.18 46.10
C PHE C 32 1.68 3.94 46.62
N LEU C 33 2.98 3.82 46.36
CA LEU C 33 3.70 2.65 46.80
C LEU C 33 4.36 2.85 48.16
N GLU C 34 4.67 1.74 48.83
CA GLU C 34 5.31 1.77 50.14
C GLU C 34 6.69 1.13 50.08
N ASP C 35 7.65 1.72 50.78
CA ASP C 35 9.01 1.21 50.81
C ASP C 35 9.46 0.92 49.38
N ALA C 36 9.31 1.93 48.54
CA ALA C 36 9.68 1.85 47.13
C ALA C 36 11.13 2.24 46.95
N ARG C 37 11.84 1.50 46.10
CA ARG C 37 13.23 1.79 45.80
C ARG C 37 13.42 1.89 44.29
N GLU C 38 14.36 2.71 43.87
CA GLU C 38 14.64 2.91 42.46
C GLU C 38 15.45 1.75 41.90
N VAL C 39 14.92 1.12 40.85
CA VAL C 39 15.59 -0.01 40.22
C VAL C 39 16.21 0.34 38.85
N ASN C 40 15.84 1.49 38.30
CA ASN C 40 16.38 1.89 37.00
C ASN C 40 16.46 3.41 36.85
N ASN C 41 17.46 3.86 36.10
CA ASN C 41 17.66 5.28 35.84
C ASN C 41 18.43 5.46 34.53
N VAL C 42 18.66 4.36 33.81
CA VAL C 42 19.37 4.42 32.54
C VAL C 42 18.59 5.37 31.61
N ARG C 43 19.31 6.27 30.96
CA ARG C 43 18.68 7.24 30.06
C ARG C 43 17.58 8.02 30.77
N GLY C 44 17.67 8.05 32.10
CA GLY C 44 16.69 8.77 32.89
C GLY C 44 15.34 8.10 32.90
N MET C 45 15.24 6.92 32.30
CA MET C 45 13.97 6.22 32.26
C MET C 45 13.73 5.51 33.59
N LEU C 46 13.50 6.31 34.61
CA LEU C 46 13.27 5.88 35.99
C LEU C 46 12.26 4.77 36.27
N GLY C 47 12.72 3.74 36.98
CA GLY C 47 11.87 2.62 37.35
C GLY C 47 11.84 2.44 38.86
N PHE C 48 10.67 2.04 39.40
CA PHE C 48 10.50 1.85 40.85
C PHE C 48 9.74 0.57 41.20
N THR C 49 9.97 0.06 42.40
CA THR C 49 9.29 -1.15 42.90
C THR C 49 9.02 -1.05 44.39
N GLY C 50 7.75 -1.19 44.77
CA GLY C 50 7.37 -1.14 46.17
C GLY C 50 6.18 -2.05 46.39
N THR C 51 5.28 -1.65 47.28
CA THR C 51 4.08 -2.44 47.56
C THR C 51 2.86 -1.56 47.71
N TYR C 52 1.71 -2.12 47.34
CA TYR C 52 0.45 -1.42 47.42
C TYR C 52 -0.54 -2.35 48.11
N LYS C 53 -0.91 -1.99 49.33
CA LYS C 53 -1.83 -2.81 50.10
C LYS C 53 -1.30 -4.24 50.14
N GLY C 54 -0.02 -4.37 50.44
CA GLY C 54 0.58 -5.68 50.53
C GLY C 54 1.25 -6.22 49.29
N ARG C 55 0.66 -5.95 48.12
CA ARG C 55 1.21 -6.45 46.85
C ARG C 55 2.44 -5.71 46.34
N LYS C 56 3.37 -6.47 45.77
CA LYS C 56 4.58 -5.89 45.20
C LYS C 56 4.26 -5.41 43.79
N ILE C 57 4.61 -4.17 43.48
CA ILE C 57 4.34 -3.59 42.18
C ILE C 57 5.51 -2.70 41.75
N SER C 58 5.64 -2.46 40.44
CA SER C 58 6.68 -1.61 39.91
C SER C 58 6.07 -0.55 39.01
N VAL C 59 6.79 0.53 38.80
CA VAL C 59 6.32 1.63 37.96
C VAL C 59 7.57 2.21 37.29
N MET C 60 7.49 2.39 35.97
CA MET C 60 8.60 2.93 35.17
C MET C 60 8.04 3.53 33.89
N GLY C 61 8.53 4.70 33.52
CA GLY C 61 8.06 5.34 32.29
C GLY C 61 8.55 4.61 31.05
N HIS C 62 7.93 4.88 29.90
CA HIS C 62 8.36 4.21 28.68
C HIS C 62 8.73 5.20 27.58
N GLY C 63 8.64 6.49 27.88
CA GLY C 63 8.95 7.50 26.88
C GLY C 63 7.84 7.60 25.85
N MET C 64 7.92 8.56 24.95
CA MET C 64 6.88 8.73 23.94
C MET C 64 7.10 7.92 22.66
N GLY C 65 6.02 7.40 22.09
CA GLY C 65 6.12 6.63 20.85
C GLY C 65 6.15 5.11 20.93
N ILE C 66 5.57 4.46 19.92
CA ILE C 66 5.54 3.01 19.83
C ILE C 66 6.95 2.39 19.87
N PRO C 67 7.88 2.89 19.05
CA PRO C 67 9.23 2.29 19.11
C PRO C 67 9.87 2.38 20.50
N SER C 68 9.55 3.45 21.23
CA SER C 68 10.12 3.63 22.56
C SER C 68 9.54 2.59 23.53
N CYS C 69 8.23 2.62 23.75
CA CYS C 69 7.62 1.67 24.69
C CYS C 69 7.78 0.21 24.27
N SER C 70 8.03 -0.03 22.98
CA SER C 70 8.21 -1.39 22.51
C SER C 70 9.50 -1.95 23.12
N ILE C 71 10.58 -1.18 23.03
CA ILE C 71 11.84 -1.60 23.61
C ILE C 71 11.67 -1.98 25.07
N TYR C 72 11.15 -1.05 25.85
CA TYR C 72 10.97 -1.26 27.28
C TYR C 72 10.08 -2.42 27.70
N THR C 73 8.90 -2.53 27.09
CA THR C 73 7.98 -3.61 27.44
C THR C 73 8.56 -4.95 27.05
N LYS C 74 9.36 -4.97 26.00
CA LYS C 74 9.98 -6.19 25.51
C LYS C 74 11.08 -6.67 26.43
N GLU C 75 11.90 -5.76 26.93
CA GLU C 75 13.00 -6.14 27.82
C GLU C 75 12.49 -6.62 29.18
N LEU C 76 11.43 -5.98 29.69
CA LEU C 76 10.85 -6.37 30.96
C LEU C 76 10.24 -7.77 30.85
N ILE C 77 9.56 -8.01 29.75
CA ILE C 77 8.91 -9.28 29.52
C ILE C 77 9.90 -10.44 29.32
N THR C 78 11.02 -10.19 28.65
CA THR C 78 11.95 -11.28 28.40
C THR C 78 13.15 -11.38 29.33
N ASP C 79 13.43 -10.35 30.11
CA ASP C 79 14.57 -10.43 31.00
C ASP C 79 14.28 -10.13 32.46
N PHE C 80 13.02 -9.86 32.80
CA PHE C 80 12.68 -9.59 34.18
C PHE C 80 11.43 -10.31 34.66
N GLY C 81 10.95 -11.25 33.85
CA GLY C 81 9.78 -12.02 34.22
C GLY C 81 8.47 -11.29 34.42
N VAL C 82 8.23 -10.22 33.66
CA VAL C 82 6.99 -9.45 33.78
C VAL C 82 5.87 -10.14 33.00
N LYS C 83 4.71 -10.28 33.64
CA LYS C 83 3.56 -10.95 33.04
C LYS C 83 2.46 -9.97 32.65
N LYS C 84 2.32 -8.90 33.42
CA LYS C 84 1.30 -7.90 33.15
C LYS C 84 1.90 -6.51 33.01
N ILE C 85 1.35 -5.73 32.09
CA ILE C 85 1.78 -4.37 31.87
C ILE C 85 0.52 -3.53 31.72
N ILE C 86 0.47 -2.43 32.46
CA ILE C 86 -0.68 -1.53 32.41
C ILE C 86 -0.18 -0.11 32.17
N ARG C 87 -0.32 0.36 30.95
CA ARG C 87 0.09 1.71 30.61
C ARG C 87 -0.92 2.68 31.20
N VAL C 88 -0.43 3.76 31.80
CA VAL C 88 -1.32 4.76 32.39
C VAL C 88 -0.86 6.09 31.80
N GLY C 89 -1.51 6.52 30.73
CA GLY C 89 -1.10 7.76 30.10
C GLY C 89 -2.20 8.75 29.82
N SER C 90 -1.90 9.72 28.96
CA SER C 90 -2.86 10.75 28.58
C SER C 90 -3.20 10.63 27.09
N CYS C 91 -4.32 11.23 26.69
CA CYS C 91 -4.72 11.19 25.30
C CYS C 91 -5.50 12.44 24.88
N GLY C 92 -5.79 12.55 23.59
CA GLY C 92 -6.56 13.68 23.09
C GLY C 92 -7.94 13.21 22.69
N ALA C 93 -8.95 14.03 22.96
CA ALA C 93 -10.33 13.66 22.63
C ALA C 93 -10.69 14.13 21.24
N VAL C 94 -11.56 13.37 20.58
CA VAL C 94 -11.95 13.69 19.22
C VAL C 94 -13.48 13.84 19.15
N LEU C 95 -14.17 13.14 20.03
CA LEU C 95 -15.63 13.18 20.09
C LEU C 95 -16.10 14.33 20.98
N PRO C 96 -17.23 14.96 20.63
CA PRO C 96 -17.81 16.08 21.39
C PRO C 96 -18.19 15.70 22.81
N HIS C 97 -18.90 14.58 22.92
CA HIS C 97 -19.37 14.07 24.20
C HIS C 97 -18.30 13.35 25.02
N VAL C 98 -17.06 13.78 24.87
CA VAL C 98 -15.93 13.20 25.61
C VAL C 98 -15.22 14.38 26.25
N LYS C 99 -15.32 14.47 27.56
CA LYS C 99 -14.76 15.57 28.32
C LYS C 99 -13.33 15.39 28.82
N LEU C 100 -12.73 16.50 29.19
CA LEU C 100 -11.36 16.51 29.70
C LEU C 100 -11.40 15.81 31.05
N ARG C 101 -10.28 15.17 31.42
CA ARG C 101 -10.18 14.44 32.68
C ARG C 101 -10.93 13.10 32.63
N ASP C 102 -11.62 12.84 31.54
CA ASP C 102 -12.34 11.59 31.40
C ASP C 102 -11.38 10.41 31.34
N VAL C 103 -11.84 9.25 31.81
CA VAL C 103 -11.02 8.04 31.81
C VAL C 103 -11.50 7.07 30.73
N VAL C 104 -10.58 6.63 29.89
CA VAL C 104 -10.91 5.70 28.83
C VAL C 104 -10.09 4.43 28.99
N ILE C 105 -10.72 3.29 28.69
CA ILE C 105 -10.10 1.99 28.79
C ILE C 105 -10.02 1.43 27.37
N GLY C 106 -8.80 1.34 26.85
CA GLY C 106 -8.62 0.84 25.50
C GLY C 106 -8.73 -0.67 25.37
N MET C 107 -9.86 -1.13 24.84
CA MET C 107 -10.07 -2.56 24.63
C MET C 107 -9.31 -2.90 23.34
N GLY C 108 -9.20 -1.88 22.50
CA GLY C 108 -8.51 -2.03 21.23
C GLY C 108 -7.78 -0.74 20.90
N ALA C 109 -6.88 -0.82 19.93
CA ALA C 109 -6.12 0.34 19.53
C ALA C 109 -5.85 0.34 18.03
N CYS C 110 -6.33 1.36 17.33
CA CYS C 110 -6.11 1.48 15.90
C CYS C 110 -4.73 2.11 15.73
N THR C 111 -4.25 2.25 14.51
CA THR C 111 -2.94 2.83 14.36
C THR C 111 -2.57 3.19 12.92
N ASP C 112 -1.63 4.11 12.79
CA ASP C 112 -1.13 4.53 11.48
C ASP C 112 0.34 4.11 11.36
N SER C 113 0.76 3.26 12.30
CA SER C 113 2.10 2.72 12.33
C SER C 113 2.18 1.43 11.51
N LYS C 114 3.39 1.05 11.11
CA LYS C 114 3.61 -0.16 10.32
C LYS C 114 4.14 -1.32 11.14
N VAL C 115 4.48 -1.09 12.40
CA VAL C 115 5.05 -2.17 13.20
C VAL C 115 4.24 -3.46 13.13
N ASN C 116 2.92 -3.34 13.20
CA ASN C 116 2.07 -4.52 13.16
C ASN C 116 1.94 -5.18 11.80
N ARG C 117 1.95 -4.39 10.72
CA ARG C 117 1.85 -4.94 9.38
C ARG C 117 3.11 -5.73 9.06
N ILE C 118 4.21 -5.31 9.65
CA ILE C 118 5.47 -5.99 9.44
C ILE C 118 5.43 -7.35 10.15
N ARG C 119 4.66 -7.41 11.23
CA ARG C 119 4.50 -8.62 12.03
C ARG C 119 3.47 -9.56 11.46
N PHE C 120 2.40 -9.00 10.89
CA PHE C 120 1.30 -9.78 10.36
C PHE C 120 1.24 -9.86 8.84
N LYS C 121 2.38 -10.14 8.21
CA LYS C 121 2.46 -10.24 6.75
C LYS C 121 1.64 -9.19 6.02
N ASP C 122 1.69 -7.96 6.52
CA ASP C 122 0.98 -6.86 5.89
C ASP C 122 -0.53 -7.01 5.91
N HIS C 123 -1.05 -7.76 6.87
CA HIS C 123 -2.50 -7.89 6.97
C HIS C 123 -2.94 -7.04 8.16
N ASP C 124 -4.24 -7.04 8.46
CA ASP C 124 -4.75 -6.26 9.58
C ASP C 124 -4.77 -7.07 10.86
N PHE C 125 -3.87 -6.73 11.79
CA PHE C 125 -3.81 -7.39 13.09
C PHE C 125 -4.63 -6.56 14.08
N ALA C 126 -5.66 -7.15 14.67
CA ALA C 126 -6.48 -6.43 15.64
C ALA C 126 -5.74 -6.35 16.97
N ALA C 127 -5.08 -5.23 17.23
CA ALA C 127 -4.35 -5.05 18.47
C ALA C 127 -5.36 -4.79 19.60
N ILE C 128 -5.64 -5.85 20.36
CA ILE C 128 -6.60 -5.80 21.46
C ILE C 128 -5.95 -6.02 22.82
N ALA C 129 -6.58 -5.53 23.88
CA ALA C 129 -6.08 -5.70 25.24
C ALA C 129 -6.54 -7.02 25.82
N ASP C 130 -5.92 -7.44 26.92
CA ASP C 130 -6.30 -8.70 27.58
C ASP C 130 -7.68 -8.51 28.21
N PHE C 131 -8.61 -9.41 27.90
CA PHE C 131 -9.97 -9.30 28.40
C PHE C 131 -10.16 -9.22 29.92
N ASP C 132 -9.53 -10.11 30.67
CA ASP C 132 -9.71 -10.07 32.11
C ASP C 132 -9.26 -8.75 32.70
N MET C 133 -8.15 -8.21 32.18
CA MET C 133 -7.63 -6.94 32.67
C MET C 133 -8.59 -5.82 32.35
N VAL C 134 -9.24 -5.90 31.19
CA VAL C 134 -10.21 -4.89 30.80
C VAL C 134 -11.36 -4.93 31.80
N ARG C 135 -11.72 -6.14 32.22
CA ARG C 135 -12.80 -6.33 33.18
C ARG C 135 -12.38 -5.91 34.58
N ASN C 136 -11.18 -6.30 35.00
CA ASN C 136 -10.71 -5.92 36.34
C ASN C 136 -10.77 -4.41 36.52
N ALA C 137 -10.34 -3.66 35.49
CA ALA C 137 -10.35 -2.21 35.53
C ALA C 137 -11.77 -1.63 35.56
N VAL C 138 -12.65 -2.18 34.74
CA VAL C 138 -14.04 -1.70 34.70
C VAL C 138 -14.69 -1.84 36.07
N ASP C 139 -14.31 -2.88 36.80
CA ASP C 139 -14.85 -3.13 38.14
C ASP C 139 -14.18 -2.21 39.14
N ALA C 140 -12.85 -2.14 39.08
CA ALA C 140 -12.09 -1.27 39.97
C ALA C 140 -12.65 0.15 39.89
N ALA C 141 -13.10 0.52 38.70
CA ALA C 141 -13.66 1.85 38.47
C ALA C 141 -15.03 2.00 39.10
N LYS C 142 -15.86 0.97 38.99
CA LYS C 142 -17.20 1.01 39.54
C LYS C 142 -17.16 1.08 41.07
N ALA C 143 -16.18 0.39 41.64
CA ALA C 143 -16.00 0.38 43.08
C ALA C 143 -15.53 1.75 43.54
N LEU C 144 -14.66 2.39 42.75
CA LEU C 144 -14.16 3.70 43.12
C LEU C 144 -15.20 4.76 42.78
N GLY C 145 -16.31 4.31 42.22
CA GLY C 145 -17.34 5.25 41.85
C GLY C 145 -16.85 6.19 40.76
N ILE C 146 -15.88 5.73 39.97
CA ILE C 146 -15.33 6.55 38.90
C ILE C 146 -15.89 6.11 37.54
N ASP C 147 -15.98 7.06 36.61
CA ASP C 147 -16.48 6.77 35.28
C ASP C 147 -15.34 6.32 34.36
N ALA C 148 -15.65 5.53 33.35
CA ALA C 148 -14.64 5.03 32.42
C ALA C 148 -15.21 4.40 31.16
N ARG C 149 -15.06 5.07 30.02
CA ARG C 149 -15.54 4.54 28.75
C ARG C 149 -14.59 3.47 28.23
N VAL C 150 -15.14 2.36 27.74
CA VAL C 150 -14.32 1.27 27.21
C VAL C 150 -14.44 1.24 25.69
N GLY C 151 -13.30 1.27 25.00
CA GLY C 151 -13.36 1.24 23.54
C GLY C 151 -12.04 1.26 22.78
N ASN C 152 -12.09 1.82 21.57
CA ASN C 152 -10.93 1.90 20.71
C ASN C 152 -10.14 3.19 20.90
N LEU C 153 -8.81 3.07 20.90
CA LEU C 153 -7.90 4.21 21.00
C LEU C 153 -7.23 4.30 19.65
N PHE C 154 -6.49 5.36 19.40
CA PHE C 154 -5.77 5.47 18.15
C PHE C 154 -4.33 5.82 18.45
N SER C 155 -3.42 4.90 18.14
CA SER C 155 -1.99 5.10 18.35
C SER C 155 -1.36 5.77 17.12
N ALA C 156 -1.06 7.07 17.28
CA ALA C 156 -0.48 7.88 16.22
C ALA C 156 1.04 7.92 16.24
N ASP C 157 1.64 8.00 15.05
CA ASP C 157 3.09 8.10 14.98
C ASP C 157 3.47 9.57 15.03
N LEU C 158 2.61 10.43 14.50
CA LEU C 158 2.87 11.87 14.48
C LEU C 158 1.92 12.70 15.32
N PHE C 159 2.40 13.13 16.49
CA PHE C 159 1.61 13.96 17.40
C PHE C 159 1.13 15.18 16.61
N TYR C 160 2.02 15.73 15.79
CA TYR C 160 1.67 16.86 14.95
C TYR C 160 1.37 16.32 13.55
N SER C 161 0.18 15.74 13.41
CA SER C 161 -0.28 15.16 12.16
C SER C 161 -0.40 16.17 11.02
N PRO C 162 0.07 15.79 9.82
CA PRO C 162 0.00 16.66 8.65
C PRO C 162 -1.34 16.49 7.92
N ASP C 163 -2.11 15.50 8.36
CA ASP C 163 -3.42 15.19 7.77
C ASP C 163 -4.55 15.27 8.79
N GLY C 164 -5.04 16.48 9.04
CA GLY C 164 -6.11 16.64 10.00
C GLY C 164 -7.44 16.04 9.61
N GLU C 165 -7.58 15.71 8.33
CA GLU C 165 -8.81 15.10 7.84
C GLU C 165 -9.02 13.70 8.42
N MET C 166 -7.94 13.11 8.92
CA MET C 166 -8.01 11.78 9.50
C MET C 166 -8.73 11.77 10.85
N PHE C 167 -8.92 12.96 11.43
CA PHE C 167 -9.62 13.08 12.72
C PHE C 167 -11.12 12.91 12.55
N ASP C 168 -11.64 13.23 11.37
CA ASP C 168 -13.07 13.06 11.10
C ASP C 168 -13.30 11.56 10.97
N VAL C 169 -12.36 10.89 10.32
CA VAL C 169 -12.40 9.44 10.12
C VAL C 169 -12.31 8.76 11.48
N MET C 170 -11.44 9.27 12.35
CA MET C 170 -11.29 8.72 13.69
C MET C 170 -12.57 8.93 14.46
N GLU C 171 -13.16 10.11 14.30
CA GLU C 171 -14.39 10.47 14.97
C GLU C 171 -15.53 9.62 14.43
N LYS C 172 -15.67 9.60 13.11
CA LYS C 172 -16.73 8.83 12.48
C LYS C 172 -16.79 7.41 13.00
N TYR C 173 -15.65 6.88 13.42
CA TYR C 173 -15.58 5.51 13.91
C TYR C 173 -15.54 5.40 15.42
N GLY C 174 -15.85 6.51 16.10
CA GLY C 174 -15.89 6.51 17.54
C GLY C 174 -14.63 6.25 18.32
N ILE C 175 -13.50 6.80 17.87
CA ILE C 175 -12.24 6.63 18.60
C ILE C 175 -12.35 7.48 19.85
N LEU C 176 -12.21 6.85 21.00
CA LEU C 176 -12.33 7.54 22.28
C LEU C 176 -11.19 8.51 22.56
N GLY C 177 -9.96 8.13 22.22
CA GLY C 177 -8.84 9.02 22.46
C GLY C 177 -7.61 8.77 21.59
N VAL C 178 -6.82 9.81 21.40
CA VAL C 178 -5.61 9.71 20.59
C VAL C 178 -4.33 9.73 21.46
N GLU C 179 -3.61 8.62 21.47
CA GLU C 179 -2.36 8.56 22.23
C GLU C 179 -1.26 8.05 21.30
N MET C 180 -0.16 7.53 21.84
CA MET C 180 0.93 7.08 20.96
C MET C 180 1.62 5.77 21.31
N GLU C 181 0.98 4.87 22.04
CA GLU C 181 1.68 3.65 22.42
C GLU C 181 0.87 2.35 22.42
N ALA C 182 -0.43 2.46 22.71
CA ALA C 182 -1.30 1.30 22.80
C ALA C 182 -1.06 0.16 21.82
N ALA C 183 -1.24 0.44 20.53
CA ALA C 183 -1.08 -0.59 19.48
C ALA C 183 0.30 -1.24 19.47
N GLY C 184 1.32 -0.50 19.89
CA GLY C 184 2.66 -1.06 19.95
C GLY C 184 2.76 -1.99 21.13
N ILE C 185 2.30 -1.56 22.29
CA ILE C 185 2.34 -2.38 23.50
C ILE C 185 1.54 -3.66 23.31
N TYR C 186 0.34 -3.54 22.76
CA TYR C 186 -0.48 -4.71 22.52
C TYR C 186 0.18 -5.63 21.49
N GLY C 187 0.94 -5.04 20.57
CA GLY C 187 1.62 -5.85 19.58
C GLY C 187 2.70 -6.71 20.23
N VAL C 188 3.55 -6.08 21.05
CA VAL C 188 4.63 -6.76 21.75
C VAL C 188 4.10 -7.82 22.72
N ALA C 189 3.05 -7.47 23.46
CA ALA C 189 2.47 -8.41 24.42
C ALA C 189 2.16 -9.72 23.70
N ALA C 190 1.53 -9.64 22.53
CA ALA C 190 1.20 -10.83 21.75
C ALA C 190 2.43 -11.55 21.23
N GLU C 191 3.41 -10.79 20.76
CA GLU C 191 4.63 -11.38 20.22
C GLU C 191 5.37 -12.22 21.25
N PHE C 192 5.56 -11.70 22.45
CA PHE C 192 6.28 -12.42 23.49
C PHE C 192 5.36 -13.04 24.54
N GLY C 193 4.11 -13.27 24.16
CA GLY C 193 3.16 -13.87 25.07
C GLY C 193 3.11 -13.24 26.45
N ALA C 194 2.34 -12.16 26.58
CA ALA C 194 2.16 -11.46 27.85
C ALA C 194 0.78 -10.83 27.83
N LYS C 195 0.43 -10.11 28.89
CA LYS C 195 -0.89 -9.48 28.94
C LYS C 195 -0.72 -7.99 29.18
N ALA C 196 -1.49 -7.18 28.46
CA ALA C 196 -1.40 -5.74 28.59
C ALA C 196 -2.76 -5.05 28.51
N LEU C 197 -2.84 -3.86 29.09
CA LEU C 197 -4.05 -3.06 29.07
C LEU C 197 -3.60 -1.60 29.11
N THR C 198 -4.37 -0.73 28.45
CA THR C 198 -4.04 0.69 28.44
C THR C 198 -5.20 1.51 28.99
N ILE C 199 -4.89 2.39 29.93
CA ILE C 199 -5.87 3.25 30.55
C ILE C 199 -5.40 4.67 30.30
N CYS C 200 -6.30 5.56 29.92
CA CYS C 200 -5.90 6.93 29.64
C CYS C 200 -6.81 8.00 30.20
N THR C 201 -6.21 9.15 30.49
CA THR C 201 -6.92 10.30 31.02
C THR C 201 -6.90 11.37 29.92
N VAL C 202 -8.08 11.75 29.44
CA VAL C 202 -8.21 12.77 28.39
C VAL C 202 -7.54 14.07 28.81
N SER C 203 -6.30 14.29 28.37
CA SER C 203 -5.57 15.49 28.72
C SER C 203 -5.89 16.71 27.89
N ASP C 204 -6.47 16.52 26.70
CA ASP C 204 -6.83 17.65 25.87
C ASP C 204 -7.85 17.32 24.80
N HIS C 205 -8.34 18.36 24.13
CA HIS C 205 -9.32 18.15 23.09
C HIS C 205 -8.80 18.69 21.76
N ILE C 206 -8.67 17.80 20.79
CA ILE C 206 -8.16 18.13 19.47
C ILE C 206 -8.94 19.17 18.69
N ARG C 207 -10.26 19.21 18.87
CA ARG C 207 -11.07 20.19 18.15
C ARG C 207 -10.99 21.54 18.86
N THR C 208 -11.33 21.55 20.14
CA THR C 208 -11.33 22.76 20.95
C THR C 208 -9.95 23.23 21.39
N HIS C 209 -8.94 22.41 21.15
CA HIS C 209 -7.56 22.77 21.50
C HIS C 209 -7.36 23.05 22.99
N GLU C 210 -8.39 22.82 23.78
CA GLU C 210 -8.29 23.06 25.22
C GLU C 210 -7.26 22.11 25.83
N GLN C 211 -6.25 22.69 26.47
CA GLN C 211 -5.18 21.91 27.12
C GLN C 211 -5.42 21.92 28.62
N THR C 212 -5.13 20.80 29.29
CA THR C 212 -5.33 20.70 30.73
C THR C 212 -4.95 21.95 31.51
N THR C 213 -5.58 22.13 32.68
CA THR C 213 -5.35 23.26 33.55
C THR C 213 -5.84 22.95 34.96
N ALA C 214 -5.76 23.94 35.85
CA ALA C 214 -6.19 23.78 37.24
C ALA C 214 -5.51 22.60 37.94
N ALA C 215 -5.85 22.39 39.19
CA ALA C 215 -5.29 21.29 39.98
C ALA C 215 -6.13 20.04 39.69
N GLU C 216 -6.92 20.12 38.63
CA GLU C 216 -7.79 19.02 38.20
C GLU C 216 -6.99 18.11 37.27
N ARG C 217 -5.73 18.47 37.08
CA ARG C 217 -4.81 17.71 36.25
C ARG C 217 -4.44 16.49 37.09
N GLN C 218 -3.62 16.73 38.11
CA GLN C 218 -3.16 15.69 39.02
C GLN C 218 -4.28 14.74 39.46
N THR C 219 -5.14 15.22 40.35
CA THR C 219 -6.25 14.43 40.88
C THR C 219 -6.88 13.44 39.90
N THR C 220 -7.26 13.93 38.72
CA THR C 220 -7.86 13.08 37.71
C THR C 220 -6.89 11.93 37.39
N PHE C 221 -5.61 12.28 37.30
CA PHE C 221 -4.57 11.29 37.03
C PHE C 221 -4.35 10.43 38.26
N ASN C 222 -5.02 10.77 39.35
CA ASN C 222 -4.90 9.99 40.57
C ASN C 222 -5.96 8.89 40.58
N ASP C 223 -7.05 9.10 39.83
CA ASP C 223 -8.10 8.08 39.74
C ASP C 223 -7.62 6.97 38.81
N MET C 224 -6.92 7.37 37.75
CA MET C 224 -6.39 6.44 36.78
C MET C 224 -5.44 5.46 37.48
N ILE C 225 -4.59 5.99 38.35
CA ILE C 225 -3.64 5.16 39.08
C ILE C 225 -4.39 4.28 40.06
N LYS C 226 -5.42 4.86 40.69
CA LYS C 226 -6.25 4.15 41.65
C LYS C 226 -6.86 2.91 41.02
N ILE C 227 -7.53 3.11 39.88
CA ILE C 227 -8.17 2.03 39.15
C ILE C 227 -7.19 0.94 38.72
N ALA C 228 -6.03 1.37 38.21
CA ALA C 228 -5.01 0.43 37.77
C ALA C 228 -4.54 -0.44 38.93
N LEU C 229 -4.09 0.20 40.01
CA LEU C 229 -3.60 -0.50 41.20
C LEU C 229 -4.66 -1.45 41.76
N GLU C 230 -5.90 -0.97 41.81
CA GLU C 230 -7.00 -1.77 42.33
C GLU C 230 -7.37 -2.90 41.38
N SER C 231 -7.32 -2.65 40.08
CA SER C 231 -7.66 -3.68 39.09
C SER C 231 -6.70 -4.87 39.16
N VAL C 232 -5.50 -4.61 39.68
CA VAL C 232 -4.49 -5.65 39.83
C VAL C 232 -4.88 -6.59 40.97
N LEU C 233 -5.33 -6.00 42.08
CA LEU C 233 -5.76 -6.78 43.24
C LEU C 233 -6.92 -7.69 42.86
N LEU C 234 -7.91 -7.13 42.16
CA LEU C 234 -9.06 -7.91 41.71
C LEU C 234 -8.52 -9.09 40.90
N GLY C 235 -7.53 -8.80 40.05
CA GLY C 235 -6.92 -9.82 39.23
C GLY C 235 -6.19 -10.86 40.05
N ASP C 236 -5.79 -10.49 41.26
CA ASP C 236 -5.07 -11.41 42.14
C ASP C 236 -6.07 -12.32 42.89
N LYS C 237 -7.25 -11.77 43.19
CA LYS C 237 -8.30 -12.49 43.91
C LYS C 237 -8.57 -13.87 43.33
#